data_4EDP
#
_entry.id   4EDP
#
_cell.length_a   56.318
_cell.length_b   50.743
_cell.length_c   143.774
_cell.angle_alpha   90.00
_cell.angle_beta   98.83
_cell.angle_gamma   90.00
#
_symmetry.space_group_name_H-M   'P 1 21 1'
#
loop_
_entity.id
_entity.type
_entity.pdbx_description
1 polymer 'ABC transporter, substrate-binding protein'
2 non-polymer 'CHLORIDE ION'
3 non-polymer 'ACETATE ION'
4 water water
#
_entity_poly.entity_id   1
_entity_poly.type   'polypeptide(L)'
_entity_poly.pdbx_seq_one_letter_code
;SNAMKKKILATLLTGLVLGTSLVGCGKTEGAEAGKKLVVSTWGLNEDVLKETVFEPFAKEHGVEIVLDIGNNSERLTKMK
NNPNSQIDITYLAESFAEQGVEAGIFDKLDYSKIPNASEMNEKAKSTVEAGYGPAYTLNSIGIVVDPSAGIEINSWEDLW
KPELKNKIAIPDITTTNGPAMVEIAAEKAGVDVKTDNGEAAFKELEALKPNVVKTYSKSSDLANMFSNGEIVAAVASDFA
FGTISKAKPEVINVIPESGTYLNFNTININKNSKNKDLAYEFINYALSKEVQEKTAKALNESPVNKEVKLSEEETKNLTY
GPVVDNAKVIDFKFVNSVMDQWVNNWNRIMN
;
_entity_poly.pdbx_strand_id   A,B
#
loop_
_chem_comp.id
_chem_comp.type
_chem_comp.name
_chem_comp.formula
ACT non-polymer 'ACETATE ION' 'C2 H3 O2 -1'
CL non-polymer 'CHLORIDE ION' 'Cl -1'
#
# COMPACT_ATOMS: atom_id res chain seq x y z
N LYS A 36 13.42 16.89 -0.70
CA LYS A 36 12.33 16.36 -1.58
C LYS A 36 10.94 16.71 -1.04
N LEU A 37 10.12 17.32 -1.89
CA LEU A 37 8.76 17.69 -1.49
C LEU A 37 7.78 16.92 -2.36
N VAL A 38 6.95 16.10 -1.73
CA VAL A 38 5.95 15.30 -2.45
C VAL A 38 4.61 16.03 -2.42
N VAL A 39 4.09 16.35 -3.60
CA VAL A 39 2.84 17.10 -3.71
C VAL A 39 1.68 16.29 -4.31
N SER A 40 0.59 16.18 -3.56
CA SER A 40 -0.62 15.49 -4.04
C SER A 40 -1.48 16.54 -4.74
N THR A 41 -1.72 16.37 -6.04
CA THR A 41 -2.49 17.33 -6.81
C THR A 41 -3.09 16.72 -8.07
N TRP A 42 -3.92 17.48 -8.78
CA TRP A 42 -4.57 16.98 -10.00
C TRP A 42 -3.58 16.84 -11.15
N GLY A 43 -2.63 17.76 -11.25
CA GLY A 43 -1.66 17.70 -12.33
C GLY A 43 -2.29 17.96 -13.70
N LEU A 44 -3.25 18.89 -13.74
CA LEU A 44 -3.89 19.27 -14.98
C LEU A 44 -2.95 20.27 -15.65
N ASN A 45 -2.80 20.19 -16.97
CA ASN A 45 -1.89 21.09 -17.67
C ASN A 45 -0.54 20.96 -16.96
N GLU A 46 -0.16 19.71 -16.69
CA GLU A 46 1.05 19.37 -15.94
C GLU A 46 2.32 20.12 -16.38
N ASP A 47 2.60 20.20 -17.67
CA ASP A 47 3.79 20.93 -18.13
C ASP A 47 3.76 22.39 -17.68
N VAL A 48 2.64 23.06 -17.90
CA VAL A 48 2.50 24.46 -17.54
C VAL A 48 2.59 24.62 -16.02
N LEU A 49 1.94 23.69 -15.32
CA LEU A 49 1.93 23.70 -13.86
C LEU A 49 3.35 23.59 -13.30
N LYS A 50 4.11 22.64 -13.82
CA LYS A 50 5.50 22.45 -13.41
C LYS A 50 6.33 23.67 -13.75
N GLU A 51 6.16 24.16 -14.97
CA GLU A 51 6.89 25.32 -15.47
C GLU A 51 6.61 26.60 -14.67
N THR A 52 5.34 26.82 -14.37
CA THR A 52 4.90 28.02 -13.69
C THR A 52 5.05 28.03 -12.17
N VAL A 53 4.72 26.91 -11.54
CA VAL A 53 4.72 26.82 -10.08
C VAL A 53 5.85 26.04 -9.40
N PHE A 54 5.97 24.77 -9.74
CA PHE A 54 6.90 23.91 -9.04
C PHE A 54 8.38 24.08 -9.34
N GLU A 55 8.72 24.16 -10.61
CA GLU A 55 10.13 24.29 -10.98
C GLU A 55 10.82 25.51 -10.40
N PRO A 56 10.16 26.68 -10.45
CA PRO A 56 10.84 27.83 -9.89
C PRO A 56 11.12 27.66 -8.41
N PHE A 57 10.16 27.09 -7.68
CA PHE A 57 10.33 26.84 -6.24
C PHE A 57 11.49 25.87 -6.03
N ALA A 58 11.46 24.75 -6.75
CA ALA A 58 12.50 23.72 -6.66
C ALA A 58 13.90 24.28 -6.88
N LYS A 59 14.04 25.16 -7.87
CA LYS A 59 15.34 25.77 -8.17
C LYS A 59 15.75 26.79 -7.12
N GLU A 60 14.79 27.55 -6.63
CA GLU A 60 15.07 28.56 -5.61
C GLU A 60 15.53 27.95 -4.29
N HIS A 61 14.93 26.82 -3.91
CA HIS A 61 15.24 26.17 -2.64
C HIS A 61 16.18 24.98 -2.74
N GLY A 62 16.62 24.68 -3.96
CA GLY A 62 17.54 23.57 -4.16
C GLY A 62 16.96 22.24 -3.71
N VAL A 63 15.74 21.95 -4.16
CA VAL A 63 15.05 20.69 -3.81
C VAL A 63 14.37 20.09 -5.03
N GLU A 64 13.91 18.85 -4.90
CA GLU A 64 13.20 18.16 -5.96
C GLU A 64 11.72 18.06 -5.60
N ILE A 65 10.85 18.33 -6.56
CA ILE A 65 9.41 18.21 -6.34
C ILE A 65 8.89 16.98 -7.10
N VAL A 66 8.11 16.19 -6.40
CA VAL A 66 7.50 14.99 -6.95
C VAL A 66 5.99 15.11 -6.83
N LEU A 67 5.29 14.90 -7.94
CA LEU A 67 3.84 14.99 -7.90
C LEU A 67 3.19 13.62 -7.82
N ASP A 68 2.12 13.53 -7.03
CA ASP A 68 1.34 12.32 -6.89
C ASP A 68 -0.01 12.80 -7.41
N ILE A 69 -0.34 12.42 -8.64
CA ILE A 69 -1.55 12.96 -9.27
C ILE A 69 -2.77 12.04 -9.27
N GLY A 70 -3.93 12.65 -9.44
CA GLY A 70 -5.21 11.94 -9.47
C GLY A 70 -6.32 12.92 -9.14
N ASN A 71 -7.56 12.46 -9.13
CA ASN A 71 -8.68 13.37 -8.82
C ASN A 71 -8.84 13.55 -7.30
N ASN A 72 -9.67 14.51 -6.88
CA ASN A 72 -9.89 14.76 -5.46
C ASN A 72 -10.14 13.51 -4.63
N SER A 73 -11.14 12.76 -5.05
CA SER A 73 -11.59 11.60 -4.31
C SER A 73 -10.58 10.48 -4.19
N GLU A 74 -9.92 10.13 -5.28
CA GLU A 74 -8.95 9.05 -5.23
C GLU A 74 -7.73 9.43 -4.41
N ARG A 75 -7.26 10.67 -4.55
CA ARG A 75 -6.11 11.11 -3.77
C ARG A 75 -6.46 11.14 -2.27
N LEU A 76 -7.62 11.70 -1.95
CA LEU A 76 -8.04 11.76 -0.54
C LEU A 76 -8.23 10.37 0.06
N THR A 77 -8.90 9.49 -0.68
CA THR A 77 -9.15 8.14 -0.19
C THR A 77 -7.85 7.39 0.11
N LYS A 78 -6.88 7.51 -0.80
N LYS A 78 -6.89 7.49 -0.80
CA LYS A 78 -5.60 6.82 -0.64
CA LYS A 78 -5.60 6.81 -0.62
C LYS A 78 -4.88 7.28 0.63
C LYS A 78 -4.87 7.29 0.63
N MET A 79 -4.77 8.60 0.81
CA MET A 79 -4.06 9.12 2.00
C MET A 79 -4.80 8.85 3.31
N LYS A 80 -6.13 8.81 3.30
CA LYS A 80 -6.89 8.49 4.53
C LYS A 80 -6.68 7.03 4.96
N ASN A 81 -6.46 6.15 4.00
CA ASN A 81 -6.29 4.73 4.30
C ASN A 81 -4.85 4.24 4.33
N ASN A 82 -3.90 5.11 4.04
CA ASN A 82 -2.50 4.72 4.04
C ASN A 82 -1.85 5.14 5.34
N PRO A 83 -1.43 4.18 6.18
CA PRO A 83 -0.79 4.57 7.44
C PRO A 83 0.59 5.22 7.25
N ASN A 84 1.23 4.97 6.10
CA ASN A 84 2.57 5.46 5.84
C ASN A 84 2.67 6.40 4.63
N SER A 85 1.66 7.24 4.43
CA SER A 85 1.66 8.17 3.32
C SER A 85 2.93 9.04 3.31
N GLN A 86 3.52 9.25 2.14
CA GLN A 86 4.74 10.06 2.02
C GLN A 86 4.47 11.47 1.46
N ILE A 87 3.19 11.81 1.36
CA ILE A 87 2.79 13.11 0.85
C ILE A 87 3.09 14.22 1.89
N ASP A 88 3.62 15.34 1.41
CA ASP A 88 3.96 16.50 2.27
C ASP A 88 2.84 17.57 2.20
N ILE A 89 2.42 17.89 1.00
CA ILE A 89 1.33 18.85 0.88
C ILE A 89 0.27 18.35 -0.09
N THR A 90 -0.96 18.74 0.19
CA THR A 90 -2.10 18.27 -0.57
C THR A 90 -3.01 19.37 -1.07
N TYR A 91 -3.22 19.37 -2.38
CA TYR A 91 -4.13 20.30 -3.07
C TYR A 91 -5.50 19.61 -3.22
N LEU A 92 -6.57 20.23 -2.74
CA LEU A 92 -7.93 19.70 -2.87
C LEU A 92 -8.96 20.81 -2.95
N ALA A 93 -10.11 20.48 -3.51
CA ALA A 93 -11.25 21.38 -3.46
C ALA A 93 -11.59 21.45 -1.96
N GLU A 94 -12.04 22.59 -1.48
CA GLU A 94 -12.32 22.75 -0.04
C GLU A 94 -13.24 21.65 0.52
N SER A 95 -14.27 21.24 -0.23
CA SER A 95 -15.21 20.22 0.25
C SER A 95 -14.49 18.93 0.64
N PHE A 96 -13.48 18.56 -0.16
CA PHE A 96 -12.68 17.37 0.11
C PHE A 96 -11.63 17.66 1.18
N ALA A 97 -11.06 18.86 1.17
CA ALA A 97 -10.08 19.21 2.18
C ALA A 97 -10.69 19.08 3.57
N GLU A 98 -11.94 19.52 3.72
N GLU A 98 -11.93 19.53 3.73
CA GLU A 98 -12.63 19.46 5.01
CA GLU A 98 -12.62 19.46 5.01
C GLU A 98 -12.80 18.01 5.49
C GLU A 98 -12.75 18.01 5.48
N GLN A 99 -12.99 17.08 4.56
CA GLN A 99 -13.11 15.69 4.92
C GLN A 99 -11.75 15.19 5.45
N GLY A 100 -10.65 15.67 4.87
CA GLY A 100 -9.33 15.30 5.35
C GLY A 100 -9.09 15.87 6.74
N VAL A 101 -9.49 17.12 6.94
CA VAL A 101 -9.34 17.76 8.25
C VAL A 101 -10.08 16.91 9.27
N GLU A 102 -11.31 16.55 8.96
CA GLU A 102 -12.15 15.73 9.84
C GLU A 102 -11.51 14.37 10.13
N ALA A 103 -10.83 13.82 9.13
CA ALA A 103 -10.18 12.51 9.24
C ALA A 103 -8.88 12.56 10.07
N GLY A 104 -8.38 13.76 10.30
CA GLY A 104 -7.17 13.94 11.09
C GLY A 104 -5.88 13.80 10.32
N ILE A 105 -5.98 14.01 9.00
N ILE A 105 -5.92 13.98 9.00
CA ILE A 105 -4.85 13.88 8.08
CA ILE A 105 -4.66 13.82 8.24
C ILE A 105 -3.96 15.10 7.93
C ILE A 105 -3.92 15.11 7.95
N PHE A 106 -4.51 16.27 8.25
CA PHE A 106 -3.82 17.54 8.04
C PHE A 106 -3.53 18.31 9.32
N ASP A 107 -2.44 19.05 9.31
CA ASP A 107 -2.09 19.86 10.47
C ASP A 107 -2.82 21.19 10.57
N LYS A 108 -3.16 21.59 11.80
N LYS A 108 -3.12 21.59 11.81
CA LYS A 108 -3.72 22.92 12.02
CA LYS A 108 -3.67 22.92 12.06
C LYS A 108 -2.48 23.79 11.83
C LYS A 108 -2.44 23.76 11.78
N LEU A 109 -2.56 24.80 10.97
CA LEU A 109 -1.38 25.59 10.62
C LEU A 109 -1.00 26.78 11.47
N ASP A 110 0.31 26.97 11.61
CA ASP A 110 0.86 28.11 12.33
C ASP A 110 1.02 29.19 11.27
N TYR A 111 0.04 30.09 11.21
CA TYR A 111 0.08 31.15 10.22
C TYR A 111 1.18 32.19 10.42
N SER A 112 1.91 32.12 11.52
CA SER A 112 3.04 33.04 11.71
C SER A 112 4.13 32.68 10.68
N LYS A 113 4.02 31.48 10.10
CA LYS A 113 4.96 30.99 9.09
C LYS A 113 4.47 31.20 7.67
N ILE A 114 3.32 31.84 7.52
CA ILE A 114 2.71 32.08 6.21
C ILE A 114 2.31 33.56 6.15
N PRO A 115 3.30 34.45 6.13
CA PRO A 115 2.97 35.88 6.15
C PRO A 115 2.15 36.36 4.97
N ASN A 116 2.27 35.68 3.82
CA ASN A 116 1.50 36.08 2.63
C ASN A 116 0.01 35.91 2.79
N ALA A 117 -0.41 35.11 3.76
CA ALA A 117 -1.83 34.95 4.06
C ALA A 117 -2.46 36.32 4.44
N SER A 118 -1.63 37.27 4.86
CA SER A 118 -2.13 38.61 5.21
C SER A 118 -2.68 39.33 3.99
N GLU A 119 -2.27 38.89 2.80
CA GLU A 119 -2.69 39.53 1.56
C GLU A 119 -3.95 38.92 0.93
N MET A 120 -4.51 37.89 1.56
CA MET A 120 -5.71 37.24 1.05
C MET A 120 -6.90 38.19 1.15
N ASN A 121 -7.84 38.07 0.21
CA ASN A 121 -9.03 38.91 0.27
C ASN A 121 -9.88 38.43 1.45
N GLU A 122 -10.80 39.27 1.93
CA GLU A 122 -11.59 38.95 3.11
C GLU A 122 -12.37 37.65 2.99
N LYS A 123 -12.92 37.34 1.83
CA LYS A 123 -13.66 36.08 1.67
C LYS A 123 -12.75 34.85 1.81
N ALA A 124 -11.60 34.88 1.14
CA ALA A 124 -10.63 33.78 1.19
C ALA A 124 -10.10 33.62 2.61
N LYS A 125 -10.02 34.71 3.38
N LYS A 125 -10.08 34.72 3.36
CA LYS A 125 -9.55 34.61 4.76
CA LYS A 125 -9.64 34.75 4.76
C LYS A 125 -10.44 33.75 5.65
C LYS A 125 -10.44 33.77 5.63
N SER A 126 -11.66 33.44 5.20
CA SER A 126 -12.49 32.50 5.95
C SER A 126 -11.75 31.14 6.12
N THR A 127 -10.93 30.73 5.15
CA THR A 127 -10.19 29.48 5.28
C THR A 127 -9.06 29.63 6.30
N VAL A 128 -8.46 30.81 6.40
CA VAL A 128 -7.41 31.05 7.40
C VAL A 128 -8.03 30.96 8.82
N GLU A 129 -9.20 31.57 8.98
N GLU A 129 -9.20 31.56 8.99
CA GLU A 129 -9.89 31.55 10.25
CA GLU A 129 -9.89 31.53 10.28
C GLU A 129 -10.25 30.11 10.66
C GLU A 129 -10.17 30.08 10.66
N ALA A 130 -10.52 29.26 9.67
CA ALA A 130 -10.85 27.85 9.92
C ALA A 130 -9.67 27.13 10.53
N GLY A 131 -8.46 27.60 10.22
CA GLY A 131 -7.25 27.11 10.86
C GLY A 131 -6.41 26.06 10.18
N TYR A 132 -6.92 25.46 9.13
CA TYR A 132 -6.16 24.47 8.38
C TYR A 132 -5.65 25.12 7.07
N GLY A 133 -5.56 24.34 5.99
CA GLY A 133 -5.02 24.85 4.76
C GLY A 133 -5.75 26.03 4.17
N PRO A 134 -5.01 27.02 3.67
CA PRO A 134 -5.67 28.20 3.10
C PRO A 134 -6.09 28.02 1.66
N ALA A 135 -7.10 28.79 1.24
CA ALA A 135 -7.46 28.82 -0.19
C ALA A 135 -6.31 29.46 -0.94
N TYR A 136 -5.96 28.92 -2.11
CA TYR A 136 -4.95 29.54 -2.97
C TYR A 136 -5.61 30.07 -4.26
N THR A 137 -6.86 29.68 -4.51
CA THR A 137 -7.61 30.15 -5.66
C THR A 137 -9.09 30.07 -5.30
N LEU A 138 -9.90 30.72 -6.11
CA LEU A 138 -11.35 30.73 -5.91
C LEU A 138 -12.05 30.70 -7.26
N ASN A 139 -13.34 30.38 -7.23
CA ASN A 139 -14.22 30.34 -8.38
C ASN A 139 -15.57 30.87 -7.92
N SER A 140 -16.42 31.26 -8.86
CA SER A 140 -17.79 31.75 -8.52
C SER A 140 -18.79 31.27 -9.54
N ILE A 141 -20.06 31.55 -9.26
CA ILE A 141 -21.15 31.21 -10.14
C ILE A 141 -21.92 32.46 -10.51
N GLY A 142 -22.81 32.32 -11.48
CA GLY A 142 -23.68 33.39 -11.92
C GLY A 142 -24.83 32.75 -12.62
N ILE A 143 -25.75 33.58 -13.10
CA ILE A 143 -26.86 33.07 -13.89
C ILE A 143 -26.53 33.43 -15.35
N VAL A 144 -26.19 32.42 -16.14
CA VAL A 144 -25.91 32.63 -17.55
C VAL A 144 -27.26 32.68 -18.22
N VAL A 145 -27.52 33.77 -18.93
CA VAL A 145 -28.81 34.02 -19.54
C VAL A 145 -28.76 34.37 -21.01
N ASP A 146 -29.69 33.84 -21.79
CA ASP A 146 -29.84 34.20 -23.21
C ASP A 146 -30.88 35.33 -23.19
N PRO A 147 -30.43 36.58 -23.34
CA PRO A 147 -31.33 37.71 -23.22
C PRO A 147 -32.34 37.84 -24.36
N SER A 148 -32.09 37.14 -25.47
CA SER A 148 -32.99 37.23 -26.62
C SER A 148 -34.34 36.54 -26.39
N ALA A 149 -34.47 35.78 -25.31
CA ALA A 149 -35.73 35.14 -24.99
C ALA A 149 -36.64 36.20 -24.35
N GLY A 150 -36.07 37.34 -24.00
CA GLY A 150 -36.83 38.43 -23.40
C GLY A 150 -37.41 38.16 -22.01
N ILE A 151 -36.84 37.22 -21.27
CA ILE A 151 -37.31 36.92 -19.92
C ILE A 151 -36.33 37.60 -18.99
N GLU A 152 -36.80 38.53 -18.18
CA GLU A 152 -35.94 39.24 -17.24
C GLU A 152 -35.53 38.38 -16.05
N ILE A 153 -34.21 38.25 -15.85
CA ILE A 153 -33.64 37.47 -14.76
C ILE A 153 -32.53 38.30 -14.13
N ASN A 154 -32.76 38.80 -12.93
N ASN A 154 -32.73 38.80 -12.92
CA ASN A 154 -31.79 39.64 -12.22
CA ASN A 154 -31.70 39.62 -12.28
C ASN A 154 -31.27 39.03 -10.93
C ASN A 154 -31.34 39.22 -10.84
N SER A 155 -32.16 38.39 -10.20
CA SER A 155 -31.85 37.85 -8.87
C SER A 155 -31.94 36.32 -8.91
N TRP A 156 -31.44 35.66 -7.86
CA TRP A 156 -31.56 34.21 -7.81
C TRP A 156 -33.03 33.79 -7.77
N GLU A 157 -33.83 34.56 -7.04
CA GLU A 157 -35.26 34.25 -6.89
C GLU A 157 -36.03 34.28 -8.21
N ASP A 158 -35.55 35.05 -9.17
CA ASP A 158 -36.18 35.13 -10.51
C ASP A 158 -36.15 33.78 -11.23
N LEU A 159 -35.27 32.86 -10.83
CA LEU A 159 -35.23 31.52 -11.46
C LEU A 159 -36.54 30.74 -11.24
N TRP A 160 -37.30 31.15 -10.22
CA TRP A 160 -38.61 30.53 -9.92
C TRP A 160 -39.79 31.08 -10.71
N LYS A 161 -39.57 32.10 -11.54
CA LYS A 161 -40.65 32.70 -12.33
C LYS A 161 -41.36 31.67 -13.22
N PRO A 162 -42.68 31.75 -13.26
CA PRO A 162 -43.48 30.83 -14.07
C PRO A 162 -43.17 30.90 -15.54
N GLU A 163 -42.64 32.05 -16.01
CA GLU A 163 -42.29 32.15 -17.42
C GLU A 163 -41.12 31.23 -17.79
N LEU A 164 -40.38 30.73 -16.80
CA LEU A 164 -39.24 29.86 -17.08
C LEU A 164 -39.53 28.35 -17.09
N LYS A 165 -40.80 27.96 -17.26
CA LYS A 165 -41.14 26.53 -17.35
C LYS A 165 -40.26 25.87 -18.41
N ASN A 166 -39.64 24.75 -18.06
CA ASN A 166 -38.83 23.98 -18.99
C ASN A 166 -37.72 24.83 -19.62
N LYS A 167 -37.10 25.75 -18.89
CA LYS A 167 -36.07 26.62 -19.50
C LYS A 167 -34.76 26.81 -18.74
N ILE A 168 -34.58 26.17 -17.57
CA ILE A 168 -33.32 26.35 -16.85
C ILE A 168 -32.58 25.06 -16.55
N ALA A 169 -31.26 25.19 -16.34
CA ALA A 169 -30.41 24.08 -15.92
C ALA A 169 -29.72 24.51 -14.63
N ILE A 170 -29.58 23.58 -13.69
CA ILE A 170 -28.93 23.83 -12.41
C ILE A 170 -27.91 22.71 -12.15
N PRO A 171 -26.85 23.01 -11.40
CA PRO A 171 -25.85 22.02 -11.10
C PRO A 171 -26.38 20.95 -10.18
N ASP A 172 -25.96 19.70 -10.41
CA ASP A 172 -26.42 18.60 -9.58
C ASP A 172 -25.78 18.71 -8.20
N ILE A 173 -26.44 18.11 -7.22
CA ILE A 173 -25.96 18.12 -5.83
C ILE A 173 -24.55 17.58 -5.67
N THR A 174 -24.14 16.65 -6.53
CA THR A 174 -22.81 16.04 -6.46
C THR A 174 -21.67 16.84 -7.09
N THR A 175 -21.98 18.00 -7.65
CA THR A 175 -20.99 18.85 -8.32
C THR A 175 -20.52 19.92 -7.38
N THR A 176 -19.47 20.62 -7.77
CA THR A 176 -18.90 21.69 -6.94
C THR A 176 -19.92 22.67 -6.40
N ASN A 177 -20.85 23.06 -7.25
CA ASN A 177 -21.86 24.05 -6.90
C ASN A 177 -23.20 23.55 -6.43
N GLY A 178 -23.28 22.27 -6.12
CA GLY A 178 -24.51 21.68 -5.59
C GLY A 178 -24.92 22.32 -4.27
N PRO A 179 -23.99 22.41 -3.31
CA PRO A 179 -24.31 23.05 -2.03
C PRO A 179 -24.78 24.48 -2.20
N ALA A 180 -24.14 25.23 -3.09
CA ALA A 180 -24.55 26.60 -3.36
C ALA A 180 -26.00 26.65 -3.84
N MET A 181 -26.39 25.70 -4.69
N MET A 181 -26.42 25.71 -4.70
CA MET A 181 -27.74 25.68 -5.23
CA MET A 181 -27.80 25.70 -5.19
C MET A 181 -28.75 25.48 -4.06
C MET A 181 -28.76 25.52 -4.01
N VAL A 182 -28.41 24.64 -3.08
CA VAL A 182 -29.27 24.43 -1.91
C VAL A 182 -29.33 25.74 -1.09
N GLU A 183 -28.18 26.42 -0.94
CA GLU A 183 -28.16 27.68 -0.18
C GLU A 183 -28.93 28.80 -0.86
N ILE A 184 -28.91 28.80 -2.19
CA ILE A 184 -29.69 29.75 -2.97
C ILE A 184 -31.19 29.54 -2.67
N ALA A 185 -31.62 28.28 -2.64
CA ALA A 185 -33.01 27.93 -2.32
C ALA A 185 -33.34 28.32 -0.88
N ALA A 186 -32.36 28.16 0.02
CA ALA A 186 -32.54 28.58 1.42
C ALA A 186 -32.78 30.10 1.49
N GLU A 187 -32.08 30.89 0.68
CA GLU A 187 -32.29 32.34 0.67
C GLU A 187 -33.73 32.66 0.27
N LYS A 188 -34.21 31.99 -0.76
CA LYS A 188 -35.57 32.13 -1.28
C LYS A 188 -36.56 31.81 -0.16
N ALA A 189 -36.30 30.73 0.58
CA ALA A 189 -37.18 30.34 1.71
C ALA A 189 -37.10 31.30 2.91
N GLY A 190 -35.96 31.99 3.03
CA GLY A 190 -35.74 32.87 4.15
C GLY A 190 -35.39 32.13 5.43
N VAL A 191 -34.91 30.88 5.31
CA VAL A 191 -34.50 30.10 6.48
C VAL A 191 -33.09 29.56 6.19
N ASP A 192 -32.12 29.95 7.02
CA ASP A 192 -30.74 29.50 6.84
C ASP A 192 -30.67 27.97 6.99
N VAL A 193 -29.80 27.31 6.22
CA VAL A 193 -29.74 25.84 6.33
C VAL A 193 -29.29 25.36 7.72
N LYS A 194 -28.60 26.20 8.49
CA LYS A 194 -28.17 25.78 9.83
C LYS A 194 -29.34 25.79 10.82
N THR A 195 -30.44 26.43 10.46
CA THR A 195 -31.61 26.48 11.33
C THR A 195 -32.46 25.21 11.24
N ASP A 196 -32.64 24.71 10.02
CA ASP A 196 -33.49 23.54 9.81
C ASP A 196 -32.84 22.44 8.95
N ASN A 197 -31.52 22.46 8.89
N ASN A 197 -31.52 22.41 8.91
CA ASN A 197 -30.76 21.48 8.12
CA ASN A 197 -30.75 21.46 8.08
C ASN A 197 -31.10 21.48 6.62
C ASN A 197 -31.09 21.49 6.60
N GLY A 198 -31.75 22.56 6.16
CA GLY A 198 -32.12 22.72 4.76
C GLY A 198 -33.52 22.29 4.33
N GLU A 199 -34.36 21.90 5.29
N GLU A 199 -34.36 21.94 5.30
CA GLU A 199 -35.70 21.44 4.92
CA GLU A 199 -35.73 21.47 5.01
C GLU A 199 -36.49 22.48 4.10
C GLU A 199 -36.51 22.47 4.14
N ALA A 200 -36.45 23.75 4.51
CA ALA A 200 -37.17 24.78 3.78
C ALA A 200 -36.55 25.00 2.40
N ALA A 201 -35.23 24.86 2.31
CA ALA A 201 -34.54 25.05 1.04
C ALA A 201 -35.03 23.96 0.09
N PHE A 202 -35.17 22.74 0.59
CA PHE A 202 -35.62 21.66 -0.27
C PHE A 202 -37.06 21.84 -0.71
N LYS A 203 -37.90 22.48 0.12
CA LYS A 203 -39.28 22.76 -0.28
C LYS A 203 -39.26 23.78 -1.43
N GLU A 204 -38.32 24.72 -1.39
CA GLU A 204 -38.20 25.71 -2.49
C GLU A 204 -37.68 25.01 -3.75
N LEU A 205 -36.79 24.04 -3.58
CA LEU A 205 -36.30 23.28 -4.74
C LEU A 205 -37.45 22.49 -5.38
N GLU A 206 -38.36 21.94 -4.58
CA GLU A 206 -39.54 21.27 -5.15
C GLU A 206 -40.31 22.25 -6.01
N ALA A 207 -40.46 23.47 -5.50
CA ALA A 207 -41.20 24.51 -6.20
C ALA A 207 -40.52 24.93 -7.50
N LEU A 208 -39.21 24.73 -7.59
CA LEU A 208 -38.48 25.12 -8.81
C LEU A 208 -38.59 24.08 -9.93
N LYS A 209 -39.01 22.86 -9.58
CA LYS A 209 -39.09 21.74 -10.53
C LYS A 209 -39.66 22.01 -11.90
N PRO A 210 -40.80 22.72 -12.00
CA PRO A 210 -41.34 22.96 -13.35
C PRO A 210 -40.43 23.70 -14.31
N ASN A 211 -39.47 24.46 -13.78
CA ASN A 211 -38.56 25.22 -14.63
C ASN A 211 -37.26 24.48 -15.00
N VAL A 212 -36.94 23.42 -14.27
CA VAL A 212 -35.70 22.69 -14.48
C VAL A 212 -35.76 21.63 -15.59
N VAL A 213 -34.99 21.86 -16.64
CA VAL A 213 -34.90 20.94 -17.77
C VAL A 213 -34.01 19.79 -17.35
N LYS A 214 -32.91 20.11 -16.72
CA LYS A 214 -32.06 19.07 -16.16
C LYS A 214 -31.06 19.60 -15.16
N THR A 215 -30.56 18.68 -14.34
CA THR A 215 -29.52 18.99 -13.39
C THR A 215 -28.31 18.49 -14.17
N TYR A 216 -27.21 19.23 -14.14
CA TYR A 216 -26.06 18.84 -14.93
C TYR A 216 -24.85 18.56 -14.05
N SER A 217 -23.84 18.08 -14.76
N SER A 217 -24.20 17.46 -14.40
CA SER A 217 -22.51 17.83 -14.18
CA SER A 217 -23.06 16.94 -13.63
C SER A 217 -21.39 18.33 -15.11
C SER A 217 -21.76 17.39 -14.24
N LYS A 218 -21.66 18.42 -16.41
N LYS A 218 -21.83 17.81 -15.49
CA LYS A 218 -20.63 18.85 -17.37
CA LYS A 218 -20.67 18.31 -16.20
C LYS A 218 -20.87 20.19 -18.05
C LYS A 218 -21.09 19.64 -16.82
N SER A 219 -19.80 21.00 -18.06
N SER A 219 -20.27 20.67 -16.61
CA SER A 219 -19.84 22.33 -18.67
CA SER A 219 -20.51 22.01 -17.13
C SER A 219 -20.14 22.20 -20.15
C SER A 219 -20.42 22.05 -18.65
N SER A 220 -19.56 21.18 -20.78
N SER A 220 -19.56 21.20 -19.19
CA SER A 220 -19.77 20.93 -22.18
CA SER A 220 -19.31 21.15 -20.64
C SER A 220 -21.25 20.77 -22.42
C SER A 220 -20.54 20.84 -21.48
N ASP A 221 -21.92 20.13 -21.47
N ASP A 221 -21.61 20.40 -20.84
CA ASP A 221 -23.34 19.94 -21.57
CA ASP A 221 -22.84 20.05 -21.55
C ASP A 221 -24.06 21.26 -21.73
C ASP A 221 -23.76 21.26 -21.82
N LEU A 222 -23.68 22.28 -20.96
CA LEU A 222 -24.44 23.52 -21.08
C LEU A 222 -24.35 24.22 -22.42
N ALA A 223 -23.15 24.26 -23.01
CA ALA A 223 -22.96 24.94 -24.28
C ALA A 223 -23.94 24.46 -25.34
N ASN A 224 -24.05 23.13 -25.48
N ASN A 224 -24.05 23.13 -25.46
CA ASN A 224 -24.97 22.54 -26.44
CA ASN A 224 -24.95 22.52 -26.43
C ASN A 224 -26.44 22.82 -26.13
C ASN A 224 -26.43 22.81 -26.13
N MET A 225 -26.79 22.85 -24.85
CA MET A 225 -28.19 23.12 -24.47
C MET A 225 -28.56 24.54 -24.84
N PHE A 226 -27.64 25.49 -24.65
CA PHE A 226 -27.89 26.87 -25.06
C PHE A 226 -27.90 26.99 -26.58
N SER A 227 -26.97 26.32 -27.24
N SER A 227 -26.98 26.29 -27.22
CA SER A 227 -26.90 26.37 -28.71
CA SER A 227 -26.85 26.30 -28.68
C SER A 227 -28.15 25.80 -29.36
C SER A 227 -28.12 25.79 -29.35
N ASN A 228 -28.73 24.75 -28.77
CA ASN A 228 -29.94 24.15 -29.28
C ASN A 228 -31.23 24.82 -28.81
N GLY A 229 -31.12 25.82 -27.96
CA GLY A 229 -32.29 26.52 -27.44
C GLY A 229 -33.08 25.73 -26.41
N GLU A 230 -32.46 24.72 -25.81
CA GLU A 230 -33.13 23.88 -24.81
C GLU A 230 -33.33 24.61 -23.47
N ILE A 231 -32.48 25.59 -23.21
CA ILE A 231 -32.55 26.40 -22.00
C ILE A 231 -32.28 27.85 -22.37
N VAL A 232 -32.82 28.73 -21.53
CA VAL A 232 -32.66 30.18 -21.60
C VAL A 232 -31.72 30.65 -20.48
N ALA A 233 -31.63 29.87 -19.40
CA ALA A 233 -30.79 30.24 -18.25
C ALA A 233 -30.17 29.04 -17.54
N ALA A 234 -29.01 29.26 -16.96
CA ALA A 234 -28.36 28.21 -16.15
C ALA A 234 -27.56 28.81 -15.01
N VAL A 235 -27.61 28.16 -13.85
CA VAL A 235 -26.75 28.56 -12.74
C VAL A 235 -25.44 27.85 -13.10
N ALA A 236 -24.38 28.61 -13.29
CA ALA A 236 -23.13 28.03 -13.75
C ALA A 236 -21.90 28.82 -13.32
N SER A 237 -20.76 28.14 -13.36
CA SER A 237 -19.51 28.73 -12.97
C SER A 237 -18.97 29.74 -13.97
N ASP A 238 -18.03 30.54 -13.50
CA ASP A 238 -17.31 31.50 -14.32
C ASP A 238 -16.66 30.77 -15.50
N PHE A 239 -16.09 29.60 -15.24
CA PHE A 239 -15.46 28.83 -16.33
C PHE A 239 -16.49 28.43 -17.41
N ALA A 240 -17.67 27.99 -16.96
CA ALA A 240 -18.77 27.57 -17.81
C ALA A 240 -19.31 28.74 -18.64
N PHE A 241 -19.38 29.94 -18.06
CA PHE A 241 -19.82 31.10 -18.85
C PHE A 241 -18.88 31.29 -20.05
N GLY A 242 -17.59 31.10 -19.83
CA GLY A 242 -16.64 31.22 -20.94
C GLY A 242 -16.90 30.19 -22.05
N THR A 243 -17.14 28.96 -21.66
N THR A 243 -17.13 28.94 -21.69
CA THR A 243 -17.40 27.88 -22.60
CA THR A 243 -17.38 27.92 -22.71
C THR A 243 -18.71 28.10 -23.37
C THR A 243 -18.73 28.11 -23.41
N ILE A 244 -19.76 28.48 -22.67
CA ILE A 244 -21.06 28.72 -23.29
C ILE A 244 -20.98 29.89 -24.25
N SER A 245 -20.23 30.92 -23.85
CA SER A 245 -20.10 32.13 -24.68
C SER A 245 -19.47 31.83 -26.02
N LYS A 246 -18.57 30.86 -26.05
CA LYS A 246 -17.96 30.49 -27.34
C LYS A 246 -19.00 29.88 -28.26
N ALA A 247 -19.96 29.15 -27.71
CA ALA A 247 -20.99 28.53 -28.52
C ALA A 247 -22.16 29.48 -28.81
N LYS A 248 -22.44 30.39 -27.89
CA LYS A 248 -23.54 31.33 -28.06
C LYS A 248 -23.11 32.67 -27.49
N PRO A 249 -22.43 33.50 -28.30
CA PRO A 249 -21.88 34.77 -27.77
C PRO A 249 -22.85 35.80 -27.20
N GLU A 250 -24.14 35.70 -27.53
N GLU A 250 -24.14 35.71 -27.51
CA GLU A 250 -25.14 36.62 -27.00
CA GLU A 250 -25.12 36.66 -26.97
C GLU A 250 -25.47 36.42 -25.50
C GLU A 250 -25.44 36.44 -25.49
N VAL A 251 -24.99 35.33 -24.89
CA VAL A 251 -25.31 35.09 -23.48
C VAL A 251 -24.63 36.15 -22.59
N ILE A 252 -25.29 36.44 -21.47
CA ILE A 252 -24.79 37.35 -20.45
C ILE A 252 -24.67 36.61 -19.12
N ASN A 253 -23.84 37.15 -18.23
CA ASN A 253 -23.60 36.58 -16.91
C ASN A 253 -24.15 37.52 -15.86
N VAL A 254 -25.29 37.14 -15.33
CA VAL A 254 -25.99 37.94 -14.32
C VAL A 254 -25.51 37.54 -12.91
N ILE A 255 -25.06 38.53 -12.13
CA ILE A 255 -24.66 38.30 -10.74
C ILE A 255 -25.71 39.00 -9.89
N PRO A 256 -26.49 38.24 -9.11
CA PRO A 256 -27.50 38.92 -8.31
C PRO A 256 -26.88 39.93 -7.33
N GLU A 257 -27.63 40.98 -7.04
CA GLU A 257 -27.19 41.99 -6.10
C GLU A 257 -26.97 41.43 -4.70
N SER A 258 -27.66 40.35 -4.39
CA SER A 258 -27.57 39.74 -3.06
C SER A 258 -26.21 39.07 -2.87
N GLY A 259 -25.54 38.74 -3.97
CA GLY A 259 -24.22 38.15 -3.92
C GLY A 259 -24.13 36.78 -4.57
N THR A 260 -23.02 36.53 -5.23
CA THR A 260 -22.70 35.23 -5.80
C THR A 260 -22.17 34.34 -4.65
N TYR A 261 -21.91 33.07 -4.99
CA TYR A 261 -21.33 32.09 -4.08
C TYR A 261 -19.96 31.69 -4.60
N LEU A 262 -18.99 31.68 -3.70
CA LEU A 262 -17.64 31.28 -4.05
C LEU A 262 -17.36 29.86 -3.63
N ASN A 263 -16.39 29.25 -4.30
CA ASN A 263 -15.84 27.96 -3.87
C ASN A 263 -14.31 28.13 -3.96
N PHE A 264 -13.58 27.39 -3.14
CA PHE A 264 -12.12 27.49 -3.07
C PHE A 264 -11.44 26.15 -3.24
N ASN A 265 -10.16 26.19 -3.66
CA ASN A 265 -9.30 25.03 -3.64
C ASN A 265 -8.26 25.46 -2.59
N THR A 266 -7.82 24.52 -1.76
CA THR A 266 -6.89 24.84 -0.70
C THR A 266 -5.66 23.95 -0.71
N ILE A 267 -4.64 24.35 0.05
CA ILE A 267 -3.42 23.55 0.19
C ILE A 267 -3.22 23.26 1.67
N ASN A 268 -3.09 21.99 2.00
CA ASN A 268 -2.86 21.53 3.37
C ASN A 268 -1.52 20.83 3.54
N ILE A 269 -1.03 20.85 4.77
CA ILE A 269 0.20 20.15 5.11
C ILE A 269 -0.20 18.83 5.77
N ASN A 270 0.29 17.72 5.23
CA ASN A 270 -0.03 16.41 5.80
C ASN A 270 0.64 16.21 7.15
N LYS A 271 -0.14 15.70 8.09
CA LYS A 271 0.33 15.50 9.45
C LYS A 271 1.53 14.56 9.53
N ASN A 272 1.61 13.60 8.61
CA ASN A 272 2.71 12.63 8.60
C ASN A 272 3.98 13.17 7.89
N SER A 273 3.89 14.37 7.32
CA SER A 273 5.04 14.96 6.62
C SER A 273 6.29 15.07 7.48
N LYS A 274 7.43 14.78 6.87
CA LYS A 274 8.74 14.89 7.51
C LYS A 274 9.51 16.06 6.89
N ASN A 275 8.79 16.96 6.23
CA ASN A 275 9.38 18.13 5.56
C ASN A 275 8.46 19.34 5.78
N LYS A 276 7.99 19.54 6.99
CA LYS A 276 7.04 20.64 7.23
C LYS A 276 7.56 22.07 7.04
N ASP A 277 8.82 22.33 7.40
CA ASP A 277 9.35 23.68 7.20
C ASP A 277 9.27 24.06 5.72
N LEU A 278 9.68 23.13 4.86
CA LEU A 278 9.65 23.35 3.42
C LEU A 278 8.19 23.47 2.93
N ALA A 279 7.31 22.67 3.54
CA ALA A 279 5.87 22.70 3.21
C ALA A 279 5.31 24.10 3.49
N TYR A 280 5.64 24.67 4.66
CA TYR A 280 5.19 26.02 4.98
C TYR A 280 5.72 27.04 3.98
N GLU A 281 7.00 26.94 3.63
CA GLU A 281 7.60 27.84 2.66
C GLU A 281 6.85 27.76 1.34
N PHE A 282 6.47 26.56 0.94
CA PHE A 282 5.76 26.39 -0.31
C PHE A 282 4.37 27.04 -0.29
N ILE A 283 3.63 26.87 0.80
CA ILE A 283 2.27 27.47 0.87
C ILE A 283 2.40 28.99 0.81
N ASN A 284 3.37 29.52 1.55
CA ASN A 284 3.62 30.96 1.55
C ASN A 284 3.96 31.44 0.13
N TYR A 285 4.73 30.64 -0.59
CA TYR A 285 5.09 30.93 -1.97
C TYR A 285 3.85 30.91 -2.88
N ALA A 286 3.00 29.90 -2.71
CA ALA A 286 1.79 29.76 -3.54
C ALA A 286 0.82 30.96 -3.37
N LEU A 287 0.88 31.61 -2.21
CA LEU A 287 0.05 32.76 -1.88
C LEU A 287 0.71 34.08 -2.24
N SER A 288 1.96 34.06 -2.67
CA SER A 288 2.68 35.29 -3.00
C SER A 288 2.07 35.99 -4.21
N LYS A 289 2.22 37.31 -4.25
CA LYS A 289 1.68 38.12 -5.33
C LYS A 289 2.18 37.64 -6.70
N GLU A 290 3.48 37.35 -6.80
CA GLU A 290 4.06 36.90 -8.06
C GLU A 290 3.47 35.57 -8.54
N VAL A 291 3.37 34.58 -7.67
CA VAL A 291 2.81 33.27 -8.08
C VAL A 291 1.31 33.37 -8.41
N GLN A 292 0.58 34.15 -7.63
CA GLN A 292 -0.84 34.39 -7.87
C GLN A 292 -1.06 35.07 -9.25
N GLU A 293 -0.19 36.01 -9.60
CA GLU A 293 -0.27 36.68 -10.91
C GLU A 293 0.06 35.68 -12.02
N LYS A 294 1.15 34.93 -11.86
CA LYS A 294 1.56 33.94 -12.87
C LYS A 294 0.50 32.88 -13.11
N THR A 295 -0.09 32.35 -12.06
CA THR A 295 -1.11 31.29 -12.21
C THR A 295 -2.44 31.81 -12.78
N ALA A 296 -2.75 33.07 -12.52
CA ALA A 296 -3.95 33.70 -13.06
C ALA A 296 -3.82 33.73 -14.60
N LYS A 297 -2.65 34.14 -15.04
CA LYS A 297 -2.34 34.26 -16.47
C LYS A 297 -2.12 32.93 -17.18
N ALA A 298 -1.34 32.05 -16.56
CA ALA A 298 -1.00 30.78 -17.21
C ALA A 298 -1.98 29.64 -17.00
N LEU A 299 -2.62 29.59 -15.84
CA LEU A 299 -3.52 28.50 -15.51
C LEU A 299 -4.98 28.90 -15.27
N ASN A 300 -5.32 30.15 -15.55
CA ASN A 300 -6.67 30.66 -15.33
C ASN A 300 -7.18 30.43 -13.91
N GLU A 301 -6.29 30.61 -12.94
CA GLU A 301 -6.66 30.49 -11.52
C GLU A 301 -6.98 31.88 -10.99
N SER A 302 -8.22 32.05 -10.54
CA SER A 302 -8.62 33.33 -9.97
C SER A 302 -7.81 33.53 -8.68
N PRO A 303 -7.27 34.73 -8.49
CA PRO A 303 -6.43 34.95 -7.33
C PRO A 303 -7.14 35.19 -6.02
N VAL A 304 -6.49 34.78 -4.94
CA VAL A 304 -7.00 35.10 -3.59
C VAL A 304 -6.17 36.25 -3.01
N ASN A 305 -5.03 36.58 -3.63
CA ASN A 305 -4.18 37.65 -3.16
C ASN A 305 -4.72 38.97 -3.71
N LYS A 306 -5.19 39.85 -2.81
CA LYS A 306 -5.78 41.13 -3.22
C LYS A 306 -4.80 42.14 -3.80
N GLU A 307 -3.52 41.85 -3.76
CA GLU A 307 -2.52 42.80 -4.27
C GLU A 307 -2.11 42.57 -5.72
N VAL A 308 -2.65 41.52 -6.35
N VAL A 308 -2.62 41.51 -6.34
CA VAL A 308 -2.31 41.15 -7.73
CA VAL A 308 -2.21 41.22 -7.71
C VAL A 308 -2.75 42.17 -8.80
C VAL A 308 -2.62 42.33 -8.68
N LYS A 309 -1.86 42.43 -9.76
CA LYS A 309 -2.13 43.39 -10.84
C LYS A 309 -2.44 42.56 -12.09
N LEU A 310 -3.68 42.60 -12.58
CA LEU A 310 -4.09 41.86 -13.80
C LEU A 310 -4.91 42.73 -14.77
N SER A 311 -4.66 42.57 -16.07
CA SER A 311 -5.39 43.34 -17.10
C SER A 311 -6.79 42.79 -17.36
N GLU A 312 -7.56 43.51 -18.16
CA GLU A 312 -8.93 43.09 -18.47
C GLU A 312 -8.92 41.77 -19.27
N GLU A 313 -8.00 41.64 -20.22
N GLU A 313 -7.99 41.63 -20.21
CA GLU A 313 -7.94 40.40 -21.01
CA GLU A 313 -7.91 40.42 -21.00
C GLU A 313 -7.51 39.23 -20.11
C GLU A 313 -7.53 39.24 -20.10
N GLU A 314 -6.62 39.50 -19.17
CA GLU A 314 -6.13 38.46 -18.24
C GLU A 314 -7.19 37.95 -17.27
N THR A 315 -8.16 38.79 -16.93
CA THR A 315 -9.18 38.38 -15.97
C THR A 315 -10.46 37.91 -16.66
N LYS A 316 -10.37 37.75 -17.98
CA LYS A 316 -11.47 37.25 -18.76
C LYS A 316 -11.75 35.83 -18.28
N ASN A 317 -13.00 35.60 -17.89
CA ASN A 317 -13.45 34.32 -17.39
C ASN A 317 -12.96 33.97 -15.97
N LEU A 318 -12.24 34.89 -15.34
CA LEU A 318 -11.84 34.66 -13.96
C LEU A 318 -12.84 35.37 -13.09
N THR A 319 -12.80 35.10 -11.79
CA THR A 319 -13.63 35.82 -10.85
C THR A 319 -12.69 36.81 -10.18
N TYR A 320 -12.92 38.09 -10.42
CA TYR A 320 -12.01 39.12 -9.97
C TYR A 320 -12.73 40.43 -9.81
N GLY A 321 -12.45 41.11 -8.71
CA GLY A 321 -13.03 42.42 -8.49
C GLY A 321 -14.15 42.52 -7.49
N PRO A 322 -14.97 43.55 -7.63
CA PRO A 322 -16.09 43.81 -6.73
C PRO A 322 -16.99 42.61 -6.48
N VAL A 323 -17.11 41.71 -7.46
N VAL A 323 -17.15 41.73 -7.46
CA VAL A 323 -17.95 40.54 -7.31
CA VAL A 323 -18.00 40.56 -7.25
C VAL A 323 -17.57 39.74 -6.06
C VAL A 323 -17.57 39.73 -6.05
N VAL A 324 -16.26 39.65 -5.80
CA VAL A 324 -15.76 38.88 -4.67
C VAL A 324 -16.17 39.51 -3.34
N ASP A 325 -16.09 40.84 -3.25
CA ASP A 325 -16.41 41.60 -2.02
C ASP A 325 -17.84 41.35 -1.49
N ASN A 326 -18.77 41.12 -2.41
CA ASN A 326 -20.16 40.94 -2.05
C ASN A 326 -20.61 39.46 -2.01
N ALA A 327 -19.66 38.55 -2.25
CA ALA A 327 -19.98 37.13 -2.31
C ALA A 327 -20.19 36.46 -0.98
N LYS A 328 -20.84 35.31 -1.07
CA LYS A 328 -21.13 34.46 0.07
C LYS A 328 -20.23 33.23 0.02
N VAL A 329 -19.84 32.74 1.19
CA VAL A 329 -19.02 31.52 1.27
C VAL A 329 -19.79 30.42 2.00
N ILE A 330 -19.45 29.18 1.71
CA ILE A 330 -20.13 28.04 2.31
C ILE A 330 -19.30 27.41 3.44
N ASP A 331 -19.97 27.03 4.53
CA ASP A 331 -19.29 26.36 5.63
C ASP A 331 -19.32 24.86 5.37
N PHE A 332 -18.22 24.34 4.84
CA PHE A 332 -18.17 22.91 4.51
C PHE A 332 -18.11 21.96 5.70
N LYS A 333 -17.72 22.47 6.87
CA LYS A 333 -17.76 21.64 8.05
C LYS A 333 -19.23 21.28 8.28
N PHE A 334 -20.10 22.29 8.21
CA PHE A 334 -21.52 22.06 8.38
C PHE A 334 -22.14 21.27 7.22
N VAL A 335 -21.89 21.71 6.00
CA VAL A 335 -22.47 21.09 4.81
C VAL A 335 -22.09 19.61 4.70
N ASN A 336 -20.82 19.28 4.90
CA ASN A 336 -20.42 17.88 4.82
C ASN A 336 -21.12 17.04 5.89
N SER A 337 -21.47 17.63 7.04
CA SER A 337 -22.16 16.90 8.11
C SER A 337 -23.60 16.52 7.73
N VAL A 338 -24.17 17.21 6.74
CA VAL A 338 -25.54 16.94 6.29
C VAL A 338 -25.62 16.51 4.82
N MET A 339 -24.48 16.26 4.20
N MET A 339 -24.48 16.29 4.16
CA MET A 339 -24.42 15.95 2.77
CA MET A 339 -24.50 15.97 2.74
C MET A 339 -25.21 14.69 2.39
C MET A 339 -25.26 14.68 2.39
N ASP A 340 -25.14 13.62 3.18
CA ASP A 340 -25.86 12.39 2.85
C ASP A 340 -27.36 12.70 2.81
N GLN A 341 -27.83 13.47 3.78
CA GLN A 341 -29.23 13.86 3.85
C GLN A 341 -29.59 14.70 2.62
N TRP A 342 -28.74 15.65 2.29
CA TRP A 342 -28.96 16.54 1.13
C TRP A 342 -29.03 15.79 -0.18
N VAL A 343 -28.09 14.88 -0.39
CA VAL A 343 -28.10 14.06 -1.59
C VAL A 343 -29.38 13.23 -1.68
N ASN A 344 -29.78 12.60 -0.58
N ASN A 344 -29.79 12.61 -0.58
CA ASN A 344 -31.02 11.83 -0.57
CA ASN A 344 -31.01 11.81 -0.57
C ASN A 344 -32.23 12.70 -0.92
C ASN A 344 -32.23 12.68 -0.90
N ASN A 345 -32.35 13.83 -0.25
CA ASN A 345 -33.45 14.78 -0.51
C ASN A 345 -33.46 15.28 -1.95
N TRP A 346 -32.28 15.63 -2.45
CA TRP A 346 -32.14 16.16 -3.81
C TRP A 346 -32.58 15.14 -4.84
N ASN A 347 -32.05 13.94 -4.75
CA ASN A 347 -32.40 12.87 -5.68
C ASN A 347 -33.88 12.52 -5.62
N ARG A 348 -34.46 12.50 -4.42
CA ARG A 348 -35.88 12.21 -4.25
C ARG A 348 -36.70 13.26 -4.99
N ILE A 349 -36.27 14.51 -4.90
CA ILE A 349 -36.97 15.63 -5.52
C ILE A 349 -36.75 15.81 -7.01
N MET A 350 -35.50 15.78 -7.43
CA MET A 350 -35.15 16.01 -8.83
C MET A 350 -35.13 14.74 -9.68
N ASN A 351 -34.79 13.62 -9.06
CA ASN A 351 -34.61 12.33 -9.74
C ASN A 351 -33.30 12.36 -10.50
N LYS B 36 -0.93 -1.53 -0.34
CA LYS B 36 -1.21 -2.67 0.59
C LYS B 36 -0.65 -4.00 0.10
N LEU B 37 0.22 -4.60 0.90
CA LEU B 37 0.83 -5.86 0.55
C LEU B 37 0.35 -6.90 1.54
N VAL B 38 -0.32 -7.95 1.04
CA VAL B 38 -0.80 -9.03 1.89
C VAL B 38 0.23 -10.18 1.90
N VAL B 39 0.73 -10.51 3.08
CA VAL B 39 1.77 -11.50 3.24
C VAL B 39 1.31 -12.74 4.00
N SER B 40 1.44 -13.90 3.35
CA SER B 40 1.09 -15.16 3.98
C SER B 40 2.36 -15.69 4.63
N THR B 41 2.36 -15.85 5.95
CA THR B 41 3.55 -16.32 6.68
C THR B 41 3.18 -16.90 8.03
N TRP B 42 4.16 -17.50 8.70
CA TRP B 42 3.93 -18.13 10.01
C TRP B 42 3.56 -17.13 11.10
N GLY B 43 4.22 -15.97 11.10
CA GLY B 43 3.97 -14.97 12.11
C GLY B 43 4.42 -15.39 13.50
N LEU B 44 5.48 -16.19 13.56
CA LEU B 44 6.04 -16.61 14.83
C LEU B 44 6.88 -15.44 15.29
N ASN B 45 6.85 -15.13 16.59
N ASN B 45 6.81 -15.13 16.59
CA ASN B 45 7.59 -13.97 17.08
CA ASN B 45 7.52 -14.00 17.15
C ASN B 45 7.11 -12.79 16.25
C ASN B 45 7.11 -12.79 16.31
N GLU B 46 5.81 -12.77 15.99
CA GLU B 46 5.17 -11.73 15.15
C GLU B 46 5.58 -10.29 15.42
N ASP B 47 5.67 -9.90 16.69
CA ASP B 47 6.06 -8.51 17.02
C ASP B 47 7.48 -8.19 16.58
N VAL B 48 8.41 -9.10 16.83
CA VAL B 48 9.80 -8.92 16.41
C VAL B 48 9.84 -8.93 14.88
N LEU B 49 9.02 -9.78 14.27
CA LEU B 49 8.98 -9.91 12.83
C LEU B 49 8.47 -8.60 12.20
N LYS B 50 7.40 -8.05 12.74
CA LYS B 50 6.88 -6.80 12.22
C LYS B 50 7.90 -5.69 12.42
N GLU B 51 8.48 -5.62 13.61
CA GLU B 51 9.45 -4.59 13.92
C GLU B 51 10.73 -4.65 13.07
N THR B 52 11.19 -5.85 12.80
CA THR B 52 12.44 -6.06 12.09
C THR B 52 12.34 -6.04 10.57
N VAL B 53 11.28 -6.65 10.04
CA VAL B 53 11.16 -6.78 8.60
C VAL B 53 10.06 -5.98 7.91
N PHE B 54 8.82 -6.16 8.35
CA PHE B 54 7.69 -5.52 7.68
C PHE B 54 7.52 -4.00 7.86
N GLU B 55 7.54 -3.54 9.11
N GLU B 55 7.55 -3.54 9.10
CA GLU B 55 7.38 -2.11 9.38
CA GLU B 55 7.37 -2.12 9.40
C GLU B 55 8.35 -1.22 8.62
C GLU B 55 8.35 -1.20 8.65
N PRO B 56 9.65 -1.54 8.65
CA PRO B 56 10.58 -0.69 7.93
C PRO B 56 10.27 -0.58 6.44
N PHE B 57 9.90 -1.70 5.82
CA PHE B 57 9.55 -1.71 4.40
C PHE B 57 8.29 -0.86 4.16
N ALA B 58 7.26 -1.09 4.96
CA ALA B 58 6.01 -0.36 4.86
C ALA B 58 6.23 1.16 4.95
N LYS B 59 7.08 1.58 5.89
CA LYS B 59 7.36 3.00 6.05
C LYS B 59 8.18 3.57 4.88
N GLU B 60 9.15 2.80 4.39
CA GLU B 60 10.00 3.26 3.30
C GLU B 60 9.25 3.41 1.98
N HIS B 61 8.36 2.46 1.68
CA HIS B 61 7.61 2.47 0.44
C HIS B 61 6.24 3.14 0.56
N GLY B 62 5.92 3.64 1.76
CA GLY B 62 4.64 4.30 1.99
C GLY B 62 3.47 3.42 1.67
N VAL B 63 3.50 2.21 2.24
CA VAL B 63 2.44 1.24 2.02
C VAL B 63 2.05 0.58 3.34
N GLU B 64 0.98 -0.21 3.31
CA GLU B 64 0.54 -0.94 4.48
C GLU B 64 0.86 -2.42 4.26
N ILE B 65 1.24 -3.15 5.31
CA ILE B 65 1.51 -4.58 5.19
C ILE B 65 0.52 -5.31 6.10
N VAL B 66 -0.15 -6.31 5.53
CA VAL B 66 -1.12 -7.11 6.27
C VAL B 66 -0.65 -8.56 6.22
N LEU B 67 -0.65 -9.22 7.37
CA LEU B 67 -0.22 -10.60 7.42
C LEU B 67 -1.42 -11.56 7.52
N ASP B 68 -1.28 -12.73 6.91
CA ASP B 68 -2.28 -13.78 6.97
C ASP B 68 -1.44 -14.92 7.51
N ILE B 69 -1.71 -15.31 8.76
CA ILE B 69 -0.85 -16.29 9.44
C ILE B 69 -1.41 -17.69 9.63
N GLY B 70 -0.50 -18.64 9.78
CA GLY B 70 -0.82 -20.06 9.97
C GLY B 70 0.39 -20.90 9.64
N ASN B 71 0.28 -22.22 9.79
CA ASN B 71 1.41 -23.08 9.47
C ASN B 71 1.51 -23.33 7.94
N ASN B 72 2.60 -23.97 7.51
CA ASN B 72 2.79 -24.26 6.08
C ASN B 72 1.58 -24.88 5.42
N SER B 73 1.14 -26.01 5.98
CA SER B 73 0.07 -26.78 5.38
C SER B 73 -1.26 -26.05 5.31
N GLU B 74 -1.65 -25.39 6.39
CA GLU B 74 -2.93 -24.69 6.37
C GLU B 74 -2.96 -23.50 5.42
N ARG B 75 -1.87 -22.75 5.36
CA ARG B 75 -1.79 -21.60 4.44
C ARG B 75 -1.79 -22.04 2.97
N LEU B 76 -1.00 -23.05 2.65
CA LEU B 76 -0.93 -23.58 1.28
C LEU B 76 -2.28 -24.17 0.86
N THR B 77 -2.88 -25.00 1.71
CA THR B 77 -4.14 -25.60 1.38
C THR B 77 -5.23 -24.55 1.12
N LYS B 78 -5.26 -23.52 1.96
CA LYS B 78 -6.26 -22.47 1.83
C LYS B 78 -6.12 -21.71 0.51
N MET B 79 -4.88 -21.37 0.13
CA MET B 79 -4.67 -20.62 -1.11
C MET B 79 -4.84 -21.49 -2.36
N LYS B 80 -4.60 -22.79 -2.25
CA LYS B 80 -4.81 -23.68 -3.41
C LYS B 80 -6.30 -23.82 -3.72
N ASN B 81 -7.12 -23.85 -2.68
CA ASN B 81 -8.56 -24.02 -2.86
C ASN B 81 -9.35 -22.73 -2.98
N ASN B 82 -8.70 -21.60 -2.74
CA ASN B 82 -9.39 -20.33 -2.81
C ASN B 82 -9.57 -19.90 -4.25
N PRO B 83 -10.83 -19.69 -4.67
CA PRO B 83 -11.07 -19.24 -6.04
C PRO B 83 -10.57 -17.83 -6.34
N ASN B 84 -10.26 -17.05 -5.30
N ASN B 84 -10.25 -17.06 -5.29
CA ASN B 84 -9.80 -15.66 -5.48
CA ASN B 84 -9.78 -15.68 -5.48
C ASN B 84 -9.03 -15.15 -4.25
C ASN B 84 -9.03 -15.16 -4.25
N SER B 85 -7.83 -15.70 -4.02
CA SER B 85 -7.00 -15.29 -2.89
C SER B 85 -6.48 -13.85 -3.03
N GLN B 86 -6.41 -13.14 -1.91
CA GLN B 86 -5.94 -11.75 -1.86
C GLN B 86 -4.43 -11.69 -1.49
N ILE B 87 -3.81 -12.84 -1.35
CA ILE B 87 -2.40 -12.90 -0.99
C ILE B 87 -1.47 -12.44 -2.11
N ASP B 88 -0.47 -11.62 -1.77
CA ASP B 88 0.52 -11.11 -2.70
C ASP B 88 1.81 -11.92 -2.64
N ILE B 89 2.31 -12.14 -1.44
CA ILE B 89 3.51 -12.96 -1.30
C ILE B 89 3.33 -14.05 -0.25
N THR B 90 4.04 -15.14 -0.45
CA THR B 90 3.90 -16.29 0.40
C THR B 90 5.23 -16.85 0.89
N TYR B 91 5.38 -16.93 2.20
CA TYR B 91 6.56 -17.53 2.86
C TYR B 91 6.25 -19.00 3.15
N LEU B 92 7.13 -19.90 2.73
CA LEU B 92 6.94 -21.31 3.01
C LEU B 92 8.26 -22.08 3.03
N ALA B 93 8.27 -23.20 3.75
CA ALA B 93 9.39 -24.11 3.68
C ALA B 93 9.41 -24.54 2.21
N GLU B 94 10.60 -24.76 1.65
CA GLU B 94 10.73 -25.09 0.22
C GLU B 94 9.89 -26.29 -0.22
N SER B 95 9.79 -27.31 0.64
CA SER B 95 9.03 -28.52 0.29
C SER B 95 7.59 -28.16 -0.03
N PHE B 96 7.03 -27.24 0.75
CA PHE B 96 5.68 -26.77 0.55
C PHE B 96 5.60 -25.80 -0.62
N ALA B 97 6.61 -24.94 -0.74
CA ALA B 97 6.65 -23.99 -1.85
C ALA B 97 6.56 -24.74 -3.17
N GLU B 98 7.29 -25.86 -3.27
N GLU B 98 7.30 -25.86 -3.29
CA GLU B 98 7.34 -26.67 -4.49
CA GLU B 98 7.32 -26.63 -4.52
C GLU B 98 5.96 -27.23 -4.85
C GLU B 98 5.93 -27.19 -4.85
N GLN B 99 5.16 -27.53 -3.82
CA GLN B 99 3.80 -28.03 -4.04
C GLN B 99 2.94 -26.91 -4.61
N GLY B 100 3.13 -25.69 -4.12
CA GLY B 100 2.40 -24.55 -4.65
C GLY B 100 2.82 -24.27 -6.09
N VAL B 101 4.11 -24.43 -6.39
CA VAL B 101 4.60 -24.25 -7.76
C VAL B 101 3.91 -25.28 -8.68
N GLU B 102 3.89 -26.53 -8.23
CA GLU B 102 3.25 -27.60 -9.01
C GLU B 102 1.76 -27.32 -9.20
N ALA B 103 1.14 -26.67 -8.22
CA ALA B 103 -0.28 -26.35 -8.27
C ALA B 103 -0.61 -25.14 -9.12
N GLY B 104 0.43 -24.46 -9.60
CA GLY B 104 0.27 -23.29 -10.46
C GLY B 104 -0.16 -22.03 -9.73
N ILE B 105 0.16 -21.96 -8.44
N ILE B 105 0.11 -21.91 -8.43
CA ILE B 105 -0.21 -20.83 -7.59
CA ILE B 105 -0.31 -20.69 -7.74
C ILE B 105 0.75 -19.65 -7.67
C ILE B 105 0.76 -19.62 -7.65
N PHE B 106 1.99 -19.94 -8.03
CA PHE B 106 3.07 -18.95 -8.01
C PHE B 106 3.65 -18.59 -9.36
N ASP B 107 4.11 -17.35 -9.49
CA ASP B 107 4.74 -16.92 -10.74
C ASP B 107 6.21 -17.33 -10.89
N LYS B 108 6.62 -17.64 -12.12
N LYS B 108 6.60 -17.61 -12.13
CA LYS B 108 8.03 -17.91 -12.39
CA LYS B 108 8.00 -17.86 -12.44
C LYS B 108 8.54 -16.48 -12.36
C LYS B 108 8.51 -16.44 -12.32
N LEU B 109 9.57 -16.22 -11.57
CA LEU B 109 10.06 -14.85 -11.38
C LEU B 109 11.05 -14.27 -12.38
N ASP B 110 10.89 -12.97 -12.60
CA ASP B 110 11.78 -12.20 -13.45
C ASP B 110 12.87 -11.68 -12.54
N TYR B 111 13.99 -12.42 -12.50
CA TYR B 111 15.08 -12.05 -11.60
C TYR B 111 15.80 -10.74 -11.96
N SER B 112 15.46 -10.14 -13.10
CA SER B 112 16.05 -8.85 -13.44
C SER B 112 15.49 -7.79 -12.46
N LYS B 113 14.40 -8.15 -11.79
CA LYS B 113 13.75 -7.27 -10.80
C LYS B 113 14.20 -7.53 -9.36
N ILE B 114 15.10 -8.50 -9.19
CA ILE B 114 15.59 -8.89 -7.87
C ILE B 114 17.13 -8.91 -7.90
N PRO B 115 17.75 -7.73 -8.06
CA PRO B 115 19.21 -7.71 -8.15
C PRO B 115 19.95 -8.28 -6.95
N ASN B 116 19.36 -8.21 -5.75
CA ASN B 116 20.02 -8.76 -4.56
C ASN B 116 20.20 -10.28 -4.61
N ALA B 117 19.53 -10.95 -5.55
CA ALA B 117 19.71 -12.39 -5.72
C ALA B 117 21.15 -12.67 -6.17
N SER B 118 21.83 -11.67 -6.72
CA SER B 118 23.23 -11.87 -7.15
C SER B 118 24.15 -12.11 -5.95
N GLU B 119 23.69 -11.72 -4.76
CA GLU B 119 24.47 -11.84 -3.52
C GLU B 119 24.23 -13.14 -2.74
N MET B 120 23.34 -13.99 -3.23
CA MET B 120 23.05 -15.26 -2.58
C MET B 120 24.25 -16.21 -2.72
N ASN B 121 24.45 -17.07 -1.72
CA ASN B 121 25.53 -18.03 -1.78
C ASN B 121 25.19 -19.07 -2.84
N GLU B 122 26.21 -19.78 -3.34
CA GLU B 122 26.04 -20.77 -4.42
C GLU B 122 24.96 -21.84 -4.17
N LYS B 123 24.85 -22.34 -2.95
CA LYS B 123 23.83 -23.36 -2.65
C LYS B 123 22.41 -22.79 -2.72
N ALA B 124 22.23 -21.60 -2.13
CA ALA B 124 20.93 -20.92 -2.14
C ALA B 124 20.54 -20.56 -3.58
N LYS B 125 21.52 -20.27 -4.43
N LYS B 125 21.56 -20.32 -4.40
CA LYS B 125 21.24 -19.94 -5.82
CA LYS B 125 21.40 -19.99 -5.82
C LYS B 125 20.55 -21.08 -6.56
C LYS B 125 20.61 -21.07 -6.56
N SER B 126 20.60 -22.29 -6.03
CA SER B 126 19.86 -23.39 -6.65
C SER B 126 18.37 -23.04 -6.74
N THR B 127 17.84 -22.29 -5.77
CA THR B 127 16.43 -21.90 -5.83
C THR B 127 16.16 -20.87 -6.94
N VAL B 128 17.14 -20.03 -7.25
CA VAL B 128 17.02 -19.04 -8.31
C VAL B 128 17.01 -19.78 -9.66
N GLU B 129 17.89 -20.77 -9.80
N GLU B 129 17.89 -20.77 -9.80
CA GLU B 129 17.97 -21.55 -11.03
CA GLU B 129 17.97 -21.58 -11.02
C GLU B 129 16.67 -22.32 -11.28
C GLU B 129 16.64 -22.27 -11.27
N ALA B 130 15.98 -22.70 -10.19
CA ALA B 130 14.70 -23.41 -10.29
C ALA B 130 13.64 -22.46 -10.88
N GLY B 131 13.83 -21.16 -10.66
CA GLY B 131 13.02 -20.12 -11.33
C GLY B 131 11.81 -19.52 -10.65
N TYR B 132 11.44 -20.07 -9.52
CA TYR B 132 10.32 -19.58 -8.73
C TYR B 132 10.88 -18.78 -7.54
N GLY B 133 10.20 -18.79 -6.40
CA GLY B 133 10.64 -17.99 -5.27
C GLY B 133 12.00 -18.38 -4.73
N PRO B 134 12.83 -17.39 -4.39
CA PRO B 134 14.16 -17.71 -3.89
C PRO B 134 14.20 -18.00 -2.41
N ALA B 135 15.22 -18.74 -1.97
CA ALA B 135 15.41 -18.93 -0.54
C ALA B 135 15.81 -17.59 0.05
N TYR B 136 15.29 -17.27 1.24
CA TYR B 136 15.69 -16.07 1.99
C TYR B 136 16.43 -16.49 3.26
N THR B 137 16.33 -17.77 3.63
CA THR B 137 17.05 -18.29 4.78
C THR B 137 17.36 -19.76 4.56
N LEU B 138 18.30 -20.28 5.33
CA LEU B 138 18.67 -21.70 5.25
C LEU B 138 18.86 -22.30 6.64
N ASN B 139 18.87 -23.63 6.69
CA ASN B 139 19.14 -24.38 7.91
C ASN B 139 19.99 -25.59 7.51
N SER B 140 20.71 -26.19 8.47
CA SER B 140 21.49 -27.43 8.18
C SER B 140 21.33 -28.44 9.28
N ILE B 141 21.88 -29.62 9.04
CA ILE B 141 21.88 -30.69 10.04
C ILE B 141 23.32 -31.08 10.35
N GLY B 142 23.48 -31.89 11.37
CA GLY B 142 24.77 -32.41 11.76
C GLY B 142 24.51 -33.64 12.61
N ILE B 143 25.57 -34.27 13.08
CA ILE B 143 25.44 -35.40 13.97
C ILE B 143 25.82 -34.87 15.36
N VAL B 144 24.82 -34.75 16.22
CA VAL B 144 25.02 -34.29 17.59
C VAL B 144 25.44 -35.53 18.35
N VAL B 145 26.60 -35.45 18.99
CA VAL B 145 27.18 -36.59 19.66
C VAL B 145 27.62 -36.31 21.08
N ASP B 146 27.39 -37.27 21.97
CA ASP B 146 27.89 -37.20 23.36
C ASP B 146 29.24 -37.91 23.29
N PRO B 147 30.33 -37.16 23.32
CA PRO B 147 31.64 -37.78 23.13
C PRO B 147 32.11 -38.61 24.33
N SER B 148 31.46 -38.41 25.48
CA SER B 148 31.82 -39.13 26.68
C SER B 148 31.54 -40.62 26.57
N ALA B 149 30.70 -41.01 25.61
CA ALA B 149 30.40 -42.42 25.39
C ALA B 149 31.62 -43.12 24.74
N GLY B 150 32.56 -42.33 24.24
CA GLY B 150 33.79 -42.86 23.64
C GLY B 150 33.64 -43.54 22.27
N ILE B 151 32.52 -43.33 21.61
CA ILE B 151 32.29 -43.94 20.29
C ILE B 151 32.59 -42.88 19.25
N GLU B 152 33.57 -43.15 18.38
CA GLU B 152 33.97 -42.23 17.33
C GLU B 152 32.93 -42.18 16.20
N ILE B 153 32.47 -40.97 15.88
CA ILE B 153 31.49 -40.75 14.85
C ILE B 153 31.95 -39.51 14.10
N ASN B 154 32.42 -39.70 12.88
N ASN B 154 32.43 -39.68 12.88
CA ASN B 154 32.93 -38.62 12.04
CA ASN B 154 32.92 -38.54 12.09
C ASN B 154 32.11 -38.38 10.78
C ASN B 154 32.31 -38.41 10.69
N SER B 155 31.67 -39.48 10.18
CA SER B 155 30.99 -39.44 8.89
C SER B 155 29.54 -39.91 9.04
N TRP B 156 28.71 -39.63 8.04
CA TRP B 156 27.34 -40.11 8.10
C TRP B 156 27.32 -41.64 8.18
N GLU B 157 28.22 -42.28 7.43
CA GLU B 157 28.31 -43.75 7.42
C GLU B 157 28.63 -44.38 8.78
N ASP B 158 29.35 -43.65 9.63
CA ASP B 158 29.65 -44.13 11.00
C ASP B 158 28.36 -44.40 11.81
N LEU B 159 27.22 -43.83 11.42
CA LEU B 159 25.95 -44.08 12.14
C LEU B 159 25.51 -45.55 12.09
N TRP B 160 26.07 -46.28 11.11
CA TRP B 160 25.79 -47.70 10.93
C TRP B 160 26.69 -48.64 11.76
N LYS B 161 27.65 -48.09 12.50
CA LYS B 161 28.56 -48.90 13.30
C LYS B 161 27.84 -49.77 14.31
N PRO B 162 28.30 -51.01 14.45
CA PRO B 162 27.63 -51.94 15.39
C PRO B 162 27.72 -51.49 16.85
N GLU B 163 28.67 -50.62 17.18
CA GLU B 163 28.77 -50.12 18.55
C GLU B 163 27.60 -49.22 18.91
N LEU B 164 26.86 -48.76 17.90
CA LEU B 164 25.73 -47.86 18.15
C LEU B 164 24.38 -48.54 18.32
N LYS B 165 24.35 -49.84 18.60
CA LYS B 165 23.07 -50.53 18.80
C LYS B 165 22.29 -49.78 19.85
N ASN B 166 21.02 -49.51 19.56
CA ASN B 166 20.11 -48.83 20.49
C ASN B 166 20.68 -47.49 21.02
N LYS B 167 21.36 -46.73 20.18
N LYS B 167 21.35 -46.71 20.19
CA LYS B 167 21.98 -45.47 20.64
CA LYS B 167 21.91 -45.46 20.70
C LYS B 167 21.77 -44.20 19.82
C LYS B 167 21.77 -44.21 19.83
N ILE B 168 21.02 -44.27 18.73
CA ILE B 168 20.81 -43.07 17.91
C ILE B 168 19.35 -42.74 17.66
N ALA B 169 19.11 -41.47 17.33
CA ALA B 169 17.80 -40.98 16.95
C ALA B 169 17.96 -40.28 15.60
N ILE B 170 16.95 -40.46 14.74
CA ILE B 170 16.95 -39.87 13.40
C ILE B 170 15.58 -39.20 13.17
N PRO B 171 15.55 -38.17 12.34
CA PRO B 171 14.30 -37.47 12.08
C PRO B 171 13.33 -38.32 11.28
N ASP B 172 12.05 -38.22 11.61
CA ASP B 172 11.05 -38.99 10.91
C ASP B 172 10.89 -38.46 9.48
N ILE B 173 10.40 -39.33 8.60
CA ILE B 173 10.22 -39.01 7.19
C ILE B 173 9.32 -37.78 7.00
N THR B 174 8.35 -37.59 7.90
CA THR B 174 7.42 -36.49 7.80
C THR B 174 7.97 -35.12 8.25
N THR B 175 9.21 -35.09 8.73
CA THR B 175 9.83 -33.86 9.25
C THR B 175 10.66 -33.18 8.18
N THR B 176 11.09 -31.95 8.47
CA THR B 176 11.89 -31.18 7.52
C THR B 176 13.07 -31.96 6.97
N ASN B 177 13.76 -32.66 7.87
CA ASN B 177 14.96 -33.42 7.50
C ASN B 177 14.79 -34.90 7.18
N GLY B 178 13.54 -35.33 6.99
CA GLY B 178 13.30 -36.71 6.59
C GLY B 178 13.92 -37.02 5.22
N PRO B 179 13.67 -36.16 4.22
CA PRO B 179 14.30 -36.44 2.93
C PRO B 179 15.81 -36.52 2.99
N ALA B 180 16.43 -35.65 3.78
CA ALA B 180 17.87 -35.67 3.92
C ALA B 180 18.32 -37.01 4.50
N MET B 181 17.56 -37.56 5.44
CA MET B 181 17.95 -38.85 6.03
C MET B 181 17.94 -39.94 4.92
N VAL B 182 16.95 -39.90 4.04
CA VAL B 182 16.90 -40.87 2.96
C VAL B 182 18.12 -40.70 2.04
N GLU B 183 18.43 -39.44 1.70
CA GLU B 183 19.59 -39.17 0.85
C GLU B 183 20.93 -39.54 1.52
N ILE B 184 21.02 -39.42 2.84
CA ILE B 184 22.20 -39.88 3.57
C ILE B 184 22.37 -41.39 3.38
N ALA B 185 21.27 -42.13 3.48
CA ALA B 185 21.31 -43.57 3.28
C ALA B 185 21.65 -43.89 1.83
N ALA B 186 21.21 -43.07 0.88
CA ALA B 186 21.55 -43.27 -0.55
C ALA B 186 23.07 -43.13 -0.74
N GLU B 187 23.67 -42.18 -0.04
CA GLU B 187 25.12 -41.98 -0.12
C GLU B 187 25.81 -43.22 0.37
N LYS B 188 25.35 -43.77 1.48
CA LYS B 188 25.91 -44.99 2.06
C LYS B 188 25.83 -46.11 1.01
N ALA B 189 24.67 -46.20 0.36
CA ALA B 189 24.44 -47.23 -0.67
C ALA B 189 25.24 -47.01 -1.96
N GLY B 190 25.60 -45.77 -2.24
CA GLY B 190 26.33 -45.44 -3.44
C GLY B 190 25.44 -45.36 -4.67
N VAL B 191 24.14 -45.20 -4.44
CA VAL B 191 23.19 -45.09 -5.54
C VAL B 191 22.32 -43.86 -5.29
N ASP B 192 22.41 -42.90 -6.19
CA ASP B 192 21.61 -41.67 -6.09
C ASP B 192 20.12 -42.01 -6.15
N VAL B 193 19.32 -41.32 -5.36
CA VAL B 193 17.88 -41.64 -5.37
C VAL B 193 17.20 -41.46 -6.73
N LYS B 194 17.74 -40.61 -7.61
CA LYS B 194 17.12 -40.43 -8.93
C LYS B 194 17.36 -41.63 -9.87
N THR B 195 18.29 -42.48 -9.50
CA THR B 195 18.60 -43.68 -10.28
C THR B 195 17.63 -44.83 -10.01
N ASP B 196 17.23 -45.00 -8.74
CA ASP B 196 16.37 -46.12 -8.37
C ASP B 196 15.19 -45.75 -7.46
N ASN B 197 14.85 -44.47 -7.44
CA ASN B 197 13.77 -43.91 -6.62
C ASN B 197 13.95 -44.12 -5.14
N GLY B 198 15.19 -44.38 -4.72
CA GLY B 198 15.54 -44.60 -3.33
C GLY B 198 15.54 -46.04 -2.82
N GLU B 199 15.34 -47.02 -3.70
N GLU B 199 15.37 -47.02 -3.71
CA GLU B 199 15.30 -48.41 -3.24
CA GLU B 199 15.35 -48.44 -3.31
C GLU B 199 16.58 -48.83 -2.49
C GLU B 199 16.59 -48.82 -2.50
N ALA B 200 17.76 -48.49 -2.99
CA ALA B 200 19.01 -48.85 -2.29
C ALA B 200 19.13 -48.08 -0.97
N ALA B 201 18.66 -46.83 -0.95
CA ALA B 201 18.70 -46.02 0.26
C ALA B 201 17.85 -46.73 1.31
N PHE B 202 16.69 -47.21 0.91
CA PHE B 202 15.85 -47.88 1.88
C PHE B 202 16.43 -49.18 2.41
N LYS B 203 17.17 -49.91 1.57
CA LYS B 203 17.84 -51.12 2.03
C LYS B 203 18.88 -50.74 3.09
N GLU B 204 19.54 -49.60 2.92
CA GLU B 204 20.52 -49.12 3.92
C GLU B 204 19.81 -48.70 5.20
N LEU B 205 18.63 -48.11 5.07
CA LEU B 205 17.84 -47.75 6.25
C LEU B 205 17.44 -49.01 7.04
N GLU B 206 17.10 -50.11 6.34
CA GLU B 206 16.79 -51.36 7.04
C GLU B 206 18.00 -51.78 7.89
N ALA B 207 19.18 -51.65 7.28
CA ALA B 207 20.42 -52.01 7.94
C ALA B 207 20.75 -51.16 9.15
N LEU B 208 20.20 -49.95 9.21
CA LEU B 208 20.46 -49.04 10.33
C LEU B 208 19.57 -49.31 11.53
N LYS B 209 18.50 -50.07 11.30
CA LYS B 209 17.48 -50.36 12.34
C LYS B 209 17.97 -50.73 13.73
N PRO B 210 18.95 -51.65 13.84
CA PRO B 210 19.41 -52.00 15.18
C PRO B 210 19.93 -50.84 16.01
N ASN B 211 20.39 -49.77 15.36
CA ASN B 211 20.95 -48.62 16.05
C ASN B 211 19.92 -47.53 16.42
N VAL B 212 18.77 -47.56 15.79
CA VAL B 212 17.74 -46.53 16.00
C VAL B 212 16.82 -46.77 17.19
N VAL B 213 16.91 -45.88 18.16
CA VAL B 213 16.07 -45.93 19.38
C VAL B 213 14.70 -45.46 18.97
N LYS B 214 14.68 -44.36 18.22
CA LYS B 214 13.42 -43.87 17.67
C LYS B 214 13.65 -42.82 16.61
N THR B 215 12.59 -42.62 15.84
CA THR B 215 12.55 -41.57 14.86
C THR B 215 11.83 -40.48 15.64
N TYR B 216 12.21 -39.23 15.46
CA TYR B 216 11.59 -38.16 16.22
C TYR B 216 10.93 -37.17 15.31
N SER B 217 9.72 -36.80 15.73
N SER B 217 10.25 -36.24 15.96
CA SER B 217 8.83 -35.91 15.00
CA SER B 217 9.64 -35.10 15.29
C SER B 217 9.05 -34.50 15.41
C SER B 217 9.87 -33.81 16.10
N LYS B 218 9.70 -34.33 16.55
N LYS B 218 10.18 -33.93 17.39
CA LYS B 218 9.95 -33.02 17.09
CA LYS B 218 10.38 -32.75 18.25
C LYS B 218 11.33 -32.99 17.69
C LYS B 218 11.78 -32.58 18.84
N SER B 219 12.13 -32.03 17.27
N SER B 219 12.27 -31.34 18.76
CA SER B 219 13.50 -31.84 17.74
CA SER B 219 13.58 -30.97 19.27
C SER B 219 13.53 -31.66 19.24
C SER B 219 13.68 -31.22 20.77
N SER B 220 12.46 -31.09 19.79
N SER B 220 12.64 -30.84 21.51
CA SER B 220 12.36 -30.80 21.23
CA SER B 220 12.60 -31.01 22.95
C SER B 220 12.48 -32.02 22.16
C SER B 220 12.73 -32.50 23.24
N ASP B 221 12.26 -33.22 21.62
N ASP B 221 12.27 -33.29 22.28
CA ASP B 221 12.35 -34.44 22.41
CA ASP B 221 12.32 -34.73 22.38
C ASP B 221 13.80 -34.90 22.64
C ASP B 221 13.78 -35.16 22.50
N LEU B 222 14.67 -34.58 21.69
CA LEU B 222 16.07 -34.97 21.76
C LEU B 222 16.82 -34.59 23.03
N ALA B 223 16.60 -33.37 23.53
CA ALA B 223 17.31 -32.92 24.73
C ALA B 223 17.14 -33.90 25.88
N ASN B 224 15.90 -34.30 26.14
N ASN B 224 15.90 -34.31 26.12
CA ASN B 224 15.61 -35.25 27.21
CA ASN B 224 15.60 -35.24 27.20
C ASN B 224 16.28 -36.60 26.99
C ASN B 224 16.28 -36.60 26.99
N MET B 225 16.24 -37.09 25.75
CA MET B 225 16.84 -38.39 25.42
C MET B 225 18.33 -38.34 25.73
N PHE B 226 19.00 -37.25 25.34
CA PHE B 226 20.42 -37.10 25.66
C PHE B 226 20.61 -36.97 27.18
N SER B 227 19.78 -36.18 27.83
N SER B 227 19.75 -36.18 27.81
CA SER B 227 19.89 -36.01 29.28
CA SER B 227 19.83 -35.97 29.25
C SER B 227 19.71 -37.32 30.02
C SER B 227 19.68 -37.29 30.01
N ASN B 228 18.77 -38.15 29.56
CA ASN B 228 18.53 -39.45 30.20
C ASN B 228 19.50 -40.56 29.77
N GLY B 229 20.42 -40.25 28.86
CA GLY B 229 21.38 -41.23 28.37
C GLY B 229 20.74 -42.29 27.49
N GLU B 230 19.58 -41.98 26.91
CA GLU B 230 18.88 -42.91 26.02
C GLU B 230 19.55 -43.03 24.65
N ILE B 231 20.26 -41.99 24.24
CA ILE B 231 20.98 -41.98 22.98
C ILE B 231 22.33 -41.34 23.17
N VAL B 232 23.24 -41.68 22.26
CA VAL B 232 24.60 -41.15 22.23
C VAL B 232 24.78 -40.21 21.04
N ALA B 233 23.95 -40.39 20.02
CA ALA B 233 24.01 -39.55 18.80
C ALA B 233 22.65 -39.36 18.16
N ALA B 234 22.50 -38.24 17.45
CA ALA B 234 21.28 -37.94 16.71
C ALA B 234 21.57 -37.09 15.50
N VAL B 235 20.89 -37.38 14.41
CA VAL B 235 20.98 -36.54 13.21
C VAL B 235 19.96 -35.45 13.55
N ALA B 236 20.43 -34.21 13.64
CA ALA B 236 19.58 -33.13 14.08
C ALA B 236 19.97 -31.78 13.50
N SER B 237 19.02 -30.86 13.52
CA SER B 237 19.22 -29.51 13.01
C SER B 237 20.14 -28.64 13.85
N ASP B 238 20.63 -27.59 13.22
CA ASP B 238 21.43 -26.57 13.86
C ASP B 238 20.67 -26.01 15.08
N PHE B 239 19.38 -25.75 14.91
CA PHE B 239 18.56 -25.28 16.02
C PHE B 239 18.51 -26.29 17.19
N ALA B 240 18.35 -27.58 16.86
CA ALA B 240 18.27 -28.65 17.88
C ALA B 240 19.58 -28.81 18.63
N PHE B 241 20.70 -28.64 17.94
CA PHE B 241 21.97 -28.71 18.63
C PHE B 241 22.00 -27.68 19.76
N GLY B 242 21.45 -26.50 19.51
CA GLY B 242 21.44 -25.46 20.55
C GLY B 242 20.61 -25.86 21.77
N THR B 243 19.46 -26.45 21.48
N THR B 243 19.44 -26.43 21.52
CA THR B 243 18.52 -26.91 22.50
CA THR B 243 18.55 -26.85 22.62
C THR B 243 19.11 -28.05 23.34
C THR B 243 19.13 -28.05 23.38
N ILE B 244 19.74 -28.99 22.66
CA ILE B 244 20.33 -30.15 23.31
C ILE B 244 21.52 -29.70 24.17
N SER B 245 22.32 -28.77 23.66
CA SER B 245 23.48 -28.24 24.38
C SER B 245 23.10 -27.60 25.71
N LYS B 246 21.92 -26.98 25.77
CA LYS B 246 21.48 -26.36 27.01
C LYS B 246 21.25 -27.46 28.06
N ALA B 247 20.75 -28.62 27.63
CA ALA B 247 20.50 -29.74 28.54
C ALA B 247 21.73 -30.61 28.78
N LYS B 248 22.64 -30.65 27.80
CA LYS B 248 23.82 -31.48 27.93
C LYS B 248 25.01 -30.80 27.26
N PRO B 249 25.64 -29.84 27.96
CA PRO B 249 26.77 -29.03 27.47
C PRO B 249 27.92 -29.78 26.79
N GLU B 250 28.18 -31.03 27.18
CA GLU B 250 29.25 -31.83 26.55
C GLU B 250 29.06 -32.25 25.11
N VAL B 251 27.84 -32.15 24.58
CA VAL B 251 27.61 -32.64 23.23
C VAL B 251 28.36 -31.78 22.21
N ILE B 252 28.75 -32.43 21.13
CA ILE B 252 29.42 -31.79 20.01
C ILE B 252 28.57 -31.97 18.74
N ASN B 253 28.84 -31.10 17.77
CA ASN B 253 28.14 -31.10 16.50
C ASN B 253 29.13 -31.48 15.41
N VAL B 254 29.00 -32.72 14.96
CA VAL B 254 29.89 -33.27 13.94
C VAL B 254 29.30 -33.06 12.55
N ILE B 255 30.09 -32.44 11.67
CA ILE B 255 29.68 -32.23 10.27
C ILE B 255 30.59 -33.14 9.41
N PRO B 256 30.01 -34.16 8.76
CA PRO B 256 30.85 -35.01 7.94
C PRO B 256 31.58 -34.25 6.85
N GLU B 257 32.78 -34.70 6.54
CA GLU B 257 33.58 -34.09 5.48
C GLU B 257 32.89 -34.14 4.13
N SER B 258 32.02 -35.14 3.94
CA SER B 258 31.30 -35.32 2.67
C SER B 258 30.30 -34.19 2.44
N GLY B 259 29.90 -33.54 3.53
CA GLY B 259 28.98 -32.42 3.46
C GLY B 259 27.67 -32.63 4.21
N THR B 260 27.19 -31.56 4.82
CA THR B 260 25.90 -31.56 5.46
C THR B 260 24.82 -31.37 4.39
N TYR B 261 23.55 -31.39 4.82
CA TYR B 261 22.39 -31.16 3.97
C TYR B 261 21.70 -29.88 4.44
N LEU B 262 21.36 -29.03 3.48
CA LEU B 262 20.66 -27.79 3.77
C LEU B 262 19.18 -27.89 3.46
N ASN B 263 18.39 -27.05 4.12
CA ASN B 263 16.97 -26.87 3.77
C ASN B 263 16.73 -25.37 3.74
N PHE B 264 15.79 -24.97 2.92
CA PHE B 264 15.50 -23.54 2.75
C PHE B 264 14.03 -23.19 2.96
N ASN B 265 13.79 -21.92 3.31
CA ASN B 265 12.45 -21.34 3.32
C ASN B 265 12.52 -20.33 2.19
N THR B 266 11.44 -20.18 1.44
CA THR B 266 11.45 -19.29 0.28
C THR B 266 10.27 -18.32 0.30
N ILE B 267 10.34 -17.30 -0.55
CA ILE B 267 9.27 -16.32 -0.70
C ILE B 267 8.86 -16.35 -2.16
N ASN B 268 7.57 -16.56 -2.43
CA ASN B 268 6.99 -16.58 -3.76
C ASN B 268 5.98 -15.48 -3.97
N ILE B 269 5.77 -15.11 -5.23
CA ILE B 269 4.77 -14.13 -5.61
C ILE B 269 3.54 -14.89 -6.11
N ASN B 270 2.39 -14.63 -5.51
CA ASN B 270 1.17 -15.31 -5.93
C ASN B 270 0.73 -14.84 -7.32
N LYS B 271 0.41 -15.81 -8.17
CA LYS B 271 0.01 -15.53 -9.53
C LYS B 271 -1.17 -14.54 -9.62
N ASN B 272 -2.09 -14.62 -8.67
CA ASN B 272 -3.28 -13.78 -8.63
C ASN B 272 -3.05 -12.37 -8.04
N SER B 273 -1.80 -12.09 -7.63
CA SER B 273 -1.49 -10.80 -7.02
C SER B 273 -1.74 -9.61 -7.94
N LYS B 274 -2.29 -8.55 -7.37
CA LYS B 274 -2.54 -7.32 -8.10
C LYS B 274 -1.54 -6.25 -7.66
N ASN B 275 -0.47 -6.67 -6.97
CA ASN B 275 0.57 -5.77 -6.49
C ASN B 275 1.94 -6.38 -6.73
N LYS B 276 2.17 -6.88 -7.94
CA LYS B 276 3.43 -7.56 -8.22
C LYS B 276 4.70 -6.69 -8.19
N ASP B 277 4.63 -5.45 -8.66
CA ASP B 277 5.82 -4.61 -8.60
C ASP B 277 6.30 -4.42 -7.16
N LEU B 278 5.36 -4.20 -6.25
CA LEU B 278 5.68 -4.02 -4.84
C LEU B 278 6.22 -5.35 -4.26
N ALA B 279 5.61 -6.45 -4.70
CA ALA B 279 6.01 -7.80 -4.29
C ALA B 279 7.46 -8.06 -4.64
N TYR B 280 7.86 -7.73 -5.88
CA TYR B 280 9.26 -7.85 -6.30
C TYR B 280 10.19 -6.99 -5.46
N GLU B 281 9.76 -5.77 -5.17
CA GLU B 281 10.57 -4.88 -4.33
C GLU B 281 10.78 -5.51 -2.97
N PHE B 282 9.73 -6.12 -2.42
CA PHE B 282 9.85 -6.74 -1.12
C PHE B 282 10.78 -7.96 -1.10
N ILE B 283 10.69 -8.83 -2.10
CA ILE B 283 11.60 -9.99 -2.15
C ILE B 283 13.04 -9.49 -2.25
N ASN B 284 13.26 -8.49 -3.11
CA ASN B 284 14.59 -7.91 -3.25
C ASN B 284 15.09 -7.37 -1.89
N TYR B 285 14.18 -6.71 -1.17
CA TYR B 285 14.48 -6.18 0.15
C TYR B 285 14.83 -7.28 1.16
N ALA B 286 14.03 -8.35 1.16
CA ALA B 286 14.26 -9.50 2.05
C ALA B 286 15.64 -10.17 1.85
N LEU B 287 16.17 -10.07 0.63
CA LEU B 287 17.46 -10.64 0.29
C LEU B 287 18.61 -9.65 0.47
N SER B 288 18.30 -8.40 0.84
CA SER B 288 19.33 -7.40 0.98
C SER B 288 20.26 -7.68 2.17
N LYS B 289 21.49 -7.22 2.08
N LYS B 289 21.48 -7.18 2.06
CA LYS B 289 22.46 -7.46 3.16
CA LYS B 289 22.51 -7.34 3.10
C LYS B 289 21.96 -6.93 4.50
C LYS B 289 21.99 -6.90 4.46
N GLU B 290 21.41 -5.71 4.52
CA GLU B 290 20.90 -5.15 5.77
C GLU B 290 19.82 -6.01 6.43
N VAL B 291 18.81 -6.43 5.66
CA VAL B 291 17.72 -7.24 6.26
C VAL B 291 18.20 -8.63 6.67
N GLN B 292 19.11 -9.21 5.89
CA GLN B 292 19.68 -10.51 6.18
C GLN B 292 20.46 -10.45 7.50
N GLU B 293 21.18 -9.35 7.72
CA GLU B 293 21.92 -9.14 8.96
C GLU B 293 20.96 -8.96 10.13
N LYS B 294 19.94 -8.13 9.96
CA LYS B 294 18.95 -7.87 11.00
C LYS B 294 18.17 -9.11 11.43
N THR B 295 17.78 -9.94 10.47
CA THR B 295 17.02 -11.17 10.76
C THR B 295 17.91 -12.26 11.36
N ALA B 296 19.18 -12.26 10.99
CA ALA B 296 20.10 -13.24 11.56
C ALA B 296 20.20 -12.96 13.07
N LYS B 297 20.32 -11.69 13.41
CA LYS B 297 20.46 -11.27 14.80
C LYS B 297 19.16 -11.34 15.58
N ALA B 298 18.08 -10.81 15.02
CA ALA B 298 16.80 -10.74 15.72
C ALA B 298 15.95 -11.99 15.72
N LEU B 299 15.98 -12.74 14.63
CA LEU B 299 15.13 -13.92 14.48
C LEU B 299 15.88 -15.24 14.30
N ASN B 300 17.20 -15.19 14.48
CA ASN B 300 18.05 -16.37 14.31
C ASN B 300 17.85 -17.06 12.96
N GLU B 301 17.74 -16.27 11.89
CA GLU B 301 17.61 -16.80 10.54
C GLU B 301 19.00 -16.82 9.91
N SER B 302 19.47 -17.99 9.51
CA SER B 302 20.77 -18.11 8.88
C SER B 302 20.66 -17.41 7.51
N PRO B 303 21.65 -16.60 7.18
CA PRO B 303 21.55 -15.84 5.93
C PRO B 303 21.90 -16.60 4.66
N VAL B 304 21.28 -16.20 3.56
CA VAL B 304 21.60 -16.70 2.23
C VAL B 304 22.49 -15.67 1.49
N ASN B 305 22.57 -14.45 2.01
CA ASN B 305 23.36 -13.39 1.40
C ASN B 305 24.79 -13.54 1.89
N LYS B 306 25.71 -13.79 0.96
CA LYS B 306 27.11 -14.05 1.29
C LYS B 306 27.92 -12.84 1.73
N GLU B 307 27.35 -11.64 1.58
CA GLU B 307 28.05 -10.43 1.96
C GLU B 307 27.81 -10.02 3.40
N VAL B 308 26.93 -10.74 4.09
N VAL B 308 26.92 -10.72 4.09
CA VAL B 308 26.60 -10.45 5.48
CA VAL B 308 26.60 -10.38 5.47
C VAL B 308 27.73 -10.76 6.45
C VAL B 308 27.72 -10.74 6.44
N LYS B 309 28.10 -9.78 7.26
CA LYS B 309 29.13 -10.00 8.26
C LYS B 309 28.48 -10.04 9.66
N LEU B 310 28.67 -11.17 10.32
CA LEU B 310 28.12 -11.44 11.65
C LEU B 310 29.24 -11.88 12.61
N SER B 311 29.08 -11.56 13.89
CA SER B 311 30.07 -11.94 14.89
C SER B 311 29.84 -13.39 15.33
N GLU B 312 30.76 -13.90 16.15
CA GLU B 312 30.66 -15.26 16.68
C GLU B 312 29.42 -15.48 17.54
N GLU B 313 29.12 -14.52 18.43
N GLU B 313 29.12 -14.55 18.44
CA GLU B 313 27.96 -14.65 19.29
CA GLU B 313 27.95 -14.72 19.30
C GLU B 313 26.69 -14.72 18.44
C GLU B 313 26.68 -14.72 18.44
N GLU B 314 26.66 -13.89 17.41
CA GLU B 314 25.52 -13.79 16.50
C GLU B 314 25.25 -15.03 15.65
N THR B 315 26.30 -15.78 15.34
CA THR B 315 26.11 -16.97 14.51
C THR B 315 25.99 -18.22 15.34
N LYS B 316 25.87 -18.05 16.66
CA LYS B 316 25.71 -19.19 17.54
C LYS B 316 24.40 -19.86 17.17
N ASN B 317 24.51 -21.14 16.84
CA ASN B 317 23.36 -21.95 16.46
C ASN B 317 22.78 -21.64 15.08
N LEU B 318 23.46 -20.80 14.32
CA LEU B 318 23.04 -20.56 12.94
C LEU B 318 23.95 -21.41 12.11
N THR B 319 23.61 -21.54 10.83
CA THR B 319 24.48 -22.23 9.89
C THR B 319 25.13 -21.11 9.10
N TYR B 320 26.44 -21.00 9.25
CA TYR B 320 27.17 -19.89 8.66
C TYR B 320 28.61 -20.27 8.46
N GLY B 321 29.13 -19.93 7.29
CA GLY B 321 30.54 -20.19 7.03
C GLY B 321 30.81 -21.29 6.05
N PRO B 322 32.02 -21.83 6.11
CA PRO B 322 32.49 -22.89 5.22
C PRO B 322 31.57 -24.08 5.10
N VAL B 323 30.81 -24.37 6.16
N VAL B 323 30.82 -24.40 6.16
CA VAL B 323 29.91 -25.50 6.16
CA VAL B 323 29.91 -25.55 6.12
C VAL B 323 28.96 -25.43 4.97
C VAL B 323 28.86 -25.45 5.02
N VAL B 324 28.47 -24.23 4.67
CA VAL B 324 27.53 -24.04 3.58
C VAL B 324 28.14 -24.40 2.23
N ASP B 325 29.40 -24.01 2.05
CA ASP B 325 30.16 -24.19 0.81
C ASP B 325 30.26 -25.66 0.37
N ASN B 326 30.28 -26.56 1.36
CA ASN B 326 30.45 -27.97 1.10
C ASN B 326 29.15 -28.79 1.21
N ALA B 327 28.05 -28.09 1.42
CA ALA B 327 26.76 -28.73 1.65
C ALA B 327 26.06 -29.23 0.42
N LYS B 328 25.13 -30.13 0.65
CA LYS B 328 24.30 -30.71 -0.38
C LYS B 328 22.89 -30.15 -0.29
N VAL B 329 22.22 -30.04 -1.43
CA VAL B 329 20.82 -29.57 -1.42
C VAL B 329 19.90 -30.64 -2.00
N ILE B 330 18.64 -30.57 -1.64
CA ILE B 330 17.64 -31.54 -2.08
C ILE B 330 16.76 -30.98 -3.21
N ASP B 331 16.48 -31.79 -4.23
CA ASP B 331 15.63 -31.39 -5.33
C ASP B 331 14.22 -31.76 -4.94
N PHE B 332 13.46 -30.80 -4.42
CA PHE B 332 12.10 -31.11 -3.99
C PHE B 332 11.09 -31.37 -5.10
N LYS B 333 11.41 -30.99 -6.32
CA LYS B 333 10.50 -31.31 -7.39
C LYS B 333 10.52 -32.85 -7.50
N PHE B 334 11.72 -33.41 -7.45
CA PHE B 334 11.84 -34.86 -7.54
C PHE B 334 11.35 -35.57 -6.28
N VAL B 335 11.81 -35.13 -5.13
CA VAL B 335 11.43 -35.75 -3.86
C VAL B 335 9.92 -35.73 -3.65
N ASN B 336 9.26 -34.61 -3.92
CA ASN B 336 7.82 -34.57 -3.72
C ASN B 336 7.12 -35.57 -4.64
N SER B 337 7.69 -35.83 -5.82
CA SER B 337 7.10 -36.76 -6.77
C SER B 337 7.14 -38.23 -6.31
N VAL B 338 8.00 -38.53 -5.34
CA VAL B 338 8.11 -39.88 -4.81
C VAL B 338 7.85 -39.94 -3.30
N MET B 339 7.34 -38.86 -2.72
CA MET B 339 7.15 -38.82 -1.27
C MET B 339 6.14 -39.84 -0.72
N ASP B 340 5.03 -40.10 -1.42
CA ASP B 340 4.08 -41.09 -0.92
C ASP B 340 4.78 -42.46 -0.80
N GLN B 341 5.57 -42.80 -1.80
CA GLN B 341 6.33 -44.06 -1.82
C GLN B 341 7.35 -44.09 -0.68
N TRP B 342 8.06 -42.98 -0.50
CA TRP B 342 9.06 -42.90 0.59
C TRP B 342 8.42 -43.02 1.97
N VAL B 343 7.30 -42.36 2.18
CA VAL B 343 6.60 -42.42 3.46
C VAL B 343 6.16 -43.87 3.74
N ASN B 344 5.59 -44.52 2.75
CA ASN B 344 5.19 -45.92 2.86
C ASN B 344 6.39 -46.84 3.16
N ASN B 345 7.47 -46.70 2.39
CA ASN B 345 8.69 -47.49 2.62
C ASN B 345 9.26 -47.23 4.02
N TRP B 346 9.33 -45.96 4.41
CA TRP B 346 9.88 -45.55 5.71
C TRP B 346 9.09 -46.18 6.83
N ASN B 347 7.78 -45.99 6.79
CA ASN B 347 6.91 -46.52 7.83
C ASN B 347 6.98 -48.05 7.93
N ARG B 348 7.07 -48.72 6.79
CA ARG B 348 7.19 -50.18 6.75
C ARG B 348 8.43 -50.65 7.50
N ILE B 349 9.53 -49.93 7.31
CA ILE B 349 10.82 -50.24 7.93
C ILE B 349 10.99 -49.74 9.36
N MET B 350 10.66 -48.48 9.60
CA MET B 350 10.84 -47.84 10.89
C MET B 350 9.59 -47.84 11.77
N ASN B 351 8.49 -48.43 11.29
CA ASN B 351 7.23 -48.41 12.04
C ASN B 351 7.04 -47.07 12.75
CL CL C . -15.35 23.10 -2.78
CL CL D . -0.95 8.27 0.16
C ACT E . -1.07 26.78 -7.64
O ACT E . -0.32 26.69 -6.62
OXT ACT E . -1.56 27.92 -7.88
CH3 ACT E . -1.36 25.61 -8.53
C ACT F . -3.31 21.40 -10.44
O ACT F . -4.02 21.29 -11.46
OXT ACT F . -2.65 20.39 -10.10
CH3 ACT F . -3.26 22.69 -9.66
C ACT G . -23.32 28.09 5.61
O ACT G . -22.78 27.49 4.69
OXT ACT G . -22.58 28.85 6.28
CH3 ACT G . -24.80 27.94 5.87
C ACT H . -7.43 17.38 13.68
O ACT H . -6.73 18.41 13.62
OXT ACT H . -6.83 16.34 14.00
CH3 ACT H . -8.91 17.38 13.39
CL CL I . 34.35 -46.48 18.22
CL CL J . 12.06 -27.68 3.06
C ACT K . 13.83 -31.92 11.79
O ACT K . 13.53 -32.61 10.80
OXT ACT K . 15.06 -31.78 11.99
CH3 ACT K . 12.79 -31.31 12.70
C ACT L . 8.78 -24.52 8.66
O ACT L . 9.44 -23.59 8.20
OXT ACT L . 8.86 -25.57 8.01
CH3 ACT L . 7.94 -24.43 9.91
C ACT M . -2.41 -10.51 12.24
O ACT M . -1.60 -9.60 11.93
OXT ACT M . -1.91 -11.54 12.73
CH3 ACT M . -3.90 -10.36 12.04
C ACT N . 12.37 -12.63 6.62
O ACT N . 13.60 -12.80 6.83
OXT ACT N . 12.04 -12.02 5.55
CH3 ACT N . 11.36 -13.13 7.61
C ACT O . 18.29 -34.87 -5.24
O ACT O . 18.83 -34.03 -6.02
OXT ACT O . 17.70 -34.41 -4.27
CH3 ACT O . 18.38 -36.35 -5.46
#